data_2P9G
#
_entry.id   2P9G
#
_cell.length_a   144.072
_cell.length_b   132.239
_cell.length_c   52.370
_cell.angle_alpha   90.00
_cell.angle_beta   90.00
_cell.angle_gamma   90.00
#
_symmetry.space_group_name_H-M   'P 21 21 2'
#
loop_
_entity.id
_entity.type
_entity.pdbx_description
1 polymer 'D-3-phosphoglycerate dehydrogenase'
2 non-polymer '1,4-DIHYDRONICOTINAMIDE ADENINE DINUCLEOTIDE'
3 non-polymer SERINE
4 water water
#
_entity_poly.entity_id   1
_entity_poly.type   'polypeptide(L)'
_entity_poly.pdbx_seq_one_letter_code
;MAKVSLEKDKIKFLLVEGVHQKALESLRAAGYTNIEFHKGALDDEQLKESIRDAHFIGLRSRTHLTEDVINAAEKLVAIG
AFAIGTNQVDLDAAAKRGIPVFNAPFSNTRSVAELVIGELLLLLRGVPEANAKAHRGVWNKLAAGSFEARGKKLGIIGYG
HIGTQLGILAESLGMYVYFYDIENKLPLGNATQVQHLSDLLNMSDVVSLHVPENPSTKNMMGAKEISLMKPGSLLINASR
GTVVDIPALADALASKHLAGAAIDVFPTEPATNSDPFTSPLAEFDNVLLTPHIGGSTQEAQENIGLEVAGKLIKYSDNGS
TLSAVNFPEVSLPLHVVRRLMHIHENRPGVLTALNKIFAEQGVNIAAQYLQTSAQMGYVVIDIEADEDVAEKALQAMKAI
PGTIRARLLY
;
_entity_poly.pdbx_strand_id   A,B
#
loop_
_chem_comp.id
_chem_comp.type
_chem_comp.name
_chem_comp.formula
NAI non-polymer '1,4-DIHYDRONICOTINAMIDE ADENINE DINUCLEOTIDE' 'C21 H29 N7 O14 P2'
#
# COMPACT_ATOMS: atom_id res chain seq x y z
N GLU A 7 -23.43 16.95 -17.48
CA GLU A 7 -24.70 16.32 -17.06
C GLU A 7 -24.67 15.79 -15.62
N LYS A 8 -23.58 16.02 -14.89
CA LYS A 8 -23.51 15.56 -13.50
C LYS A 8 -24.63 16.15 -12.69
N ASP A 9 -24.88 17.44 -12.90
CA ASP A 9 -25.94 18.12 -12.16
C ASP A 9 -27.30 17.45 -12.37
N LYS A 10 -27.43 16.66 -13.42
CA LYS A 10 -28.66 15.91 -13.63
C LYS A 10 -28.59 14.50 -13.02
N ILE A 11 -27.51 14.18 -12.29
CA ILE A 11 -27.40 12.88 -11.60
C ILE A 11 -27.75 12.98 -10.11
N LYS A 12 -28.81 12.29 -9.72
CA LYS A 12 -29.36 12.50 -8.39
C LYS A 12 -28.76 11.58 -7.34
N PHE A 13 -28.50 12.17 -6.18
CA PHE A 13 -27.99 11.49 -4.99
C PHE A 13 -28.94 11.67 -3.82
N LEU A 14 -29.59 10.60 -3.42
CA LEU A 14 -30.44 10.63 -2.26
C LEU A 14 -29.68 10.15 -1.01
N LEU A 15 -29.63 10.99 0.02
CA LEU A 15 -28.89 10.72 1.23
C LEU A 15 -29.86 10.74 2.40
N VAL A 16 -30.00 9.61 3.10
CA VAL A 16 -30.92 9.51 4.24
C VAL A 16 -30.16 9.34 5.56
N GLU A 17 -30.87 9.41 6.67
CA GLU A 17 -30.25 9.23 7.99
C GLU A 17 -29.14 10.22 8.30
N GLY A 18 -29.00 11.24 7.47
CA GLY A 18 -28.03 12.31 7.75
C GLY A 18 -26.55 11.90 7.85
N VAL A 19 -25.97 11.57 6.70
CA VAL A 19 -24.54 11.40 6.58
C VAL A 19 -23.80 12.72 6.91
N HIS A 20 -22.50 12.61 7.23
CA HIS A 20 -21.73 13.76 7.65
C HIS A 20 -21.66 14.83 6.56
N GLN A 21 -21.59 16.11 6.92
CA GLN A 21 -21.66 17.16 5.92
C GLN A 21 -20.51 17.06 4.94
N LYS A 22 -19.43 16.39 5.34
CA LYS A 22 -18.27 16.22 4.46
C LYS A 22 -18.52 15.32 3.22
N ALA A 23 -19.35 14.30 3.35
CA ALA A 23 -19.82 13.67 2.15
C ALA A 23 -20.36 14.74 1.17
N LEU A 24 -21.24 15.63 1.60
CA LEU A 24 -21.67 16.72 0.69
C LEU A 24 -20.55 17.56 0.14
N GLU A 25 -19.55 17.87 0.94
CA GLU A 25 -18.52 18.73 0.38
C GLU A 25 -17.71 18.00 -0.68
N SER A 26 -17.46 16.71 -0.44
CA SER A 26 -16.55 15.97 -1.29
C SER A 26 -17.25 15.62 -2.59
N LEU A 27 -18.57 15.60 -2.54
CA LEU A 27 -19.47 15.38 -3.71
C LEU A 27 -19.69 16.62 -4.56
N ARG A 28 -19.92 17.76 -3.91
CA ARG A 28 -20.09 19.01 -4.61
C ARG A 28 -18.72 19.50 -5.09
N ALA A 29 -17.67 18.91 -4.56
CA ALA A 29 -16.39 19.20 -5.15
C ALA A 29 -16.23 18.44 -6.47
N ALA A 30 -16.90 17.31 -6.65
CA ALA A 30 -16.71 16.50 -7.86
C ALA A 30 -17.76 16.75 -8.99
N GLY A 31 -18.62 17.76 -8.77
CA GLY A 31 -19.59 18.18 -9.76
C GLY A 31 -21.01 17.68 -9.50
N TYR A 32 -21.16 16.60 -8.72
CA TYR A 32 -22.52 16.09 -8.46
C TYR A 32 -23.24 16.97 -7.44
N THR A 33 -24.17 17.79 -7.88
CA THR A 33 -24.71 18.87 -7.02
C THR A 33 -26.18 18.67 -6.76
N ASN A 34 -26.74 17.65 -7.41
CA ASN A 34 -28.16 17.37 -7.34
C ASN A 34 -28.44 16.28 -6.29
N ILE A 35 -28.75 16.75 -5.08
CA ILE A 35 -28.69 15.96 -3.88
C ILE A 35 -29.95 16.21 -3.09
N GLU A 36 -30.60 15.15 -2.67
CA GLU A 36 -31.71 15.27 -1.77
C GLU A 36 -31.19 14.75 -0.41
N PHE A 37 -31.03 15.63 0.58
CA PHE A 37 -30.53 15.19 1.89
C PHE A 37 -31.63 15.15 2.93
N HIS A 38 -31.66 14.11 3.76
CA HIS A 38 -32.59 14.06 4.87
C HIS A 38 -31.81 13.81 6.16
N LYS A 39 -32.33 14.35 7.26
CA LYS A 39 -31.65 14.25 8.52
C LYS A 39 -32.01 12.96 9.21
N GLY A 40 -33.08 12.33 8.76
CA GLY A 40 -33.60 11.10 9.37
C GLY A 40 -34.11 10.02 8.42
N ALA A 41 -34.42 8.86 8.98
CA ALA A 41 -34.70 7.66 8.19
C ALA A 41 -36.08 7.76 7.58
N LEU A 42 -36.23 7.44 6.31
CA LEU A 42 -37.53 7.66 5.65
C LEU A 42 -38.51 6.55 5.93
N ASP A 43 -39.77 6.87 5.67
CA ASP A 43 -40.89 5.98 5.95
C ASP A 43 -40.97 4.76 5.00
N ASP A 44 -41.68 3.72 5.44
CA ASP A 44 -41.93 2.54 4.60
C ASP A 44 -42.33 2.92 3.18
N GLU A 45 -42.39 4.21 2.87
CA GLU A 45 -43.06 4.66 1.66
C GLU A 45 -42.57 5.97 1.02
N GLN A 46 -42.21 6.99 1.79
CA GLN A 46 -41.62 8.20 1.17
C GLN A 46 -40.26 7.87 0.53
N LEU A 47 -39.53 6.92 1.14
CA LEU A 47 -38.31 6.31 0.55
C LEU A 47 -38.54 6.05 -0.94
N LYS A 48 -39.32 5.00 -1.21
CA LYS A 48 -39.69 4.61 -2.57
C LYS A 48 -40.08 5.74 -3.51
N GLU A 49 -40.78 6.74 -3.00
CA GLU A 49 -41.14 7.85 -3.86
C GLU A 49 -39.88 8.63 -4.23
N SER A 50 -38.98 8.77 -3.26
CA SER A 50 -37.77 9.58 -3.43
C SER A 50 -36.65 8.86 -4.22
N ILE A 51 -36.52 7.53 -4.03
CA ILE A 51 -35.48 6.72 -4.66
C ILE A 51 -35.77 6.42 -6.14
N ARG A 52 -37.05 6.52 -6.53
CA ARG A 52 -37.52 6.18 -7.88
C ARG A 52 -36.62 6.71 -9.04
N ASP A 53 -36.23 7.97 -9.01
CA ASP A 53 -35.32 8.49 -10.04
C ASP A 53 -33.97 8.92 -9.44
N ALA A 54 -33.57 8.20 -8.41
CA ALA A 54 -32.26 8.37 -7.84
C ALA A 54 -31.20 7.50 -8.53
N HIS A 55 -30.05 8.07 -8.79
CA HIS A 55 -28.95 7.37 -9.38
C HIS A 55 -28.04 6.76 -8.34
N PHE A 56 -28.02 7.39 -7.16
CA PHE A 56 -27.14 7.00 -6.06
C PHE A 56 -27.92 7.19 -4.77
N ILE A 57 -27.99 6.17 -3.94
CA ILE A 57 -28.56 6.43 -2.64
C ILE A 57 -27.49 6.24 -1.55
N GLY A 58 -27.59 7.04 -0.49
CA GLY A 58 -26.64 6.99 0.59
C GLY A 58 -27.44 6.87 1.85
N LEU A 59 -27.18 5.80 2.59
CA LEU A 59 -28.00 5.45 3.72
C LEU A 59 -27.11 5.05 4.92
N ARG A 60 -27.72 4.76 6.07
CA ARG A 60 -26.95 4.40 7.26
C ARG A 60 -27.34 3.04 7.83
N SER A 61 -27.31 2.86 9.13
CA SER A 61 -27.70 1.54 9.66
C SER A 61 -29.20 1.30 9.82
N ARG A 62 -30.03 2.31 9.63
CA ARG A 62 -31.42 2.15 10.02
C ARG A 62 -32.37 2.00 8.86
N THR A 63 -31.98 2.48 7.68
CA THR A 63 -32.81 2.30 6.49
C THR A 63 -32.69 0.85 6.04
N HIS A 64 -33.83 0.24 5.73
CA HIS A 64 -33.85 -1.13 5.21
C HIS A 64 -33.93 -1.10 3.66
N LEU A 65 -32.80 -1.27 2.98
CA LEU A 65 -32.81 -1.23 1.51
C LEU A 65 -33.10 -2.62 1.02
N THR A 66 -34.36 -2.92 0.96
CA THR A 66 -34.78 -4.25 0.71
C THR A 66 -35.08 -4.52 -0.80
N GLU A 67 -35.13 -5.80 -1.19
CA GLU A 67 -35.48 -6.13 -2.55
C GLU A 67 -36.78 -5.45 -3.03
N ASP A 68 -37.69 -5.17 -2.10
CA ASP A 68 -38.91 -4.53 -2.49
C ASP A 68 -38.54 -3.15 -2.91
N VAL A 69 -37.78 -2.46 -2.06
CA VAL A 69 -37.38 -1.08 -2.38
C VAL A 69 -36.45 -0.90 -3.58
N ILE A 70 -35.54 -1.84 -3.82
CA ILE A 70 -34.61 -1.68 -4.93
C ILE A 70 -35.35 -1.83 -6.26
N ASN A 71 -36.37 -2.70 -6.23
CA ASN A 71 -37.27 -2.84 -7.36
C ASN A 71 -37.96 -1.49 -7.69
N ALA A 72 -38.36 -0.75 -6.68
CA ALA A 72 -38.84 0.61 -6.89
C ALA A 72 -37.92 1.48 -7.75
N ALA A 73 -36.61 1.29 -7.64
CA ALA A 73 -35.65 2.27 -8.19
C ALA A 73 -35.24 2.09 -9.65
N GLU A 74 -35.86 2.83 -10.54
CA GLU A 74 -35.56 2.61 -11.95
C GLU A 74 -34.19 3.13 -12.40
N LYS A 75 -33.64 4.14 -11.75
CA LYS A 75 -32.41 4.75 -12.28
C LYS A 75 -31.11 4.50 -11.48
N LEU A 76 -31.22 3.65 -10.46
CA LEU A 76 -30.16 3.38 -9.47
C LEU A 76 -28.89 2.74 -10.04
N VAL A 77 -27.75 3.29 -9.64
CA VAL A 77 -26.45 2.94 -10.24
C VAL A 77 -25.49 2.28 -9.27
N ALA A 78 -25.42 2.80 -8.05
CA ALA A 78 -24.53 2.23 -7.02
C ALA A 78 -25.10 2.60 -5.65
N ILE A 79 -24.77 1.81 -4.65
CA ILE A 79 -25.30 2.09 -3.32
C ILE A 79 -24.14 2.34 -2.37
N GLY A 80 -24.32 3.37 -1.55
CA GLY A 80 -23.26 3.78 -0.64
C GLY A 80 -23.79 3.71 0.77
N ALA A 81 -23.18 2.81 1.54
CA ALA A 81 -23.57 2.64 2.94
C ALA A 81 -22.55 3.40 3.79
N PHE A 82 -23.00 4.53 4.37
CA PHE A 82 -22.12 5.40 5.12
C PHE A 82 -22.07 4.81 6.52
N ALA A 83 -21.44 3.65 6.62
CA ALA A 83 -21.52 2.79 7.81
C ALA A 83 -20.60 1.66 7.59
N ILE A 84 -20.43 0.83 8.62
CA ILE A 84 -19.62 -0.36 8.48
C ILE A 84 -20.45 -1.50 7.92
N GLY A 85 -21.66 -1.65 8.42
CA GLY A 85 -22.46 -2.81 8.05
C GLY A 85 -23.21 -2.64 6.74
N THR A 86 -23.70 -3.75 6.22
CA THR A 86 -24.51 -3.71 5.04
C THR A 86 -25.64 -4.68 5.24
N ASN A 87 -25.72 -5.28 6.41
CA ASN A 87 -26.86 -6.16 6.69
C ASN A 87 -28.20 -5.49 6.44
N GLN A 88 -28.29 -4.17 6.56
CA GLN A 88 -29.51 -3.46 6.17
C GLN A 88 -29.82 -3.40 4.67
N VAL A 89 -28.90 -3.92 3.82
CA VAL A 89 -29.11 -3.91 2.36
C VAL A 89 -29.24 -5.31 1.76
N ASP A 90 -30.13 -5.48 0.79
CA ASP A 90 -30.11 -6.74 0.09
C ASP A 90 -29.07 -6.69 -1.03
N LEU A 91 -27.86 -7.09 -0.70
CA LEU A 91 -26.80 -7.18 -1.69
C LEU A 91 -27.17 -8.05 -2.91
N ASP A 92 -27.70 -9.25 -2.68
CA ASP A 92 -28.07 -10.13 -3.79
C ASP A 92 -29.03 -9.38 -4.73
N ALA A 93 -30.03 -8.71 -4.16
CA ALA A 93 -30.92 -7.83 -4.96
C ALA A 93 -30.19 -6.81 -5.83
N ALA A 94 -29.31 -6.03 -5.20
CA ALA A 94 -28.47 -5.06 -5.91
C ALA A 94 -27.49 -5.65 -6.99
N ALA A 95 -26.94 -6.82 -6.70
CA ALA A 95 -26.04 -7.52 -7.60
C ALA A 95 -26.79 -7.86 -8.85
N LYS A 96 -27.99 -8.41 -8.69
CA LYS A 96 -28.74 -8.87 -9.85
C LYS A 96 -29.04 -7.73 -10.77
N ARG A 97 -29.15 -6.53 -10.25
CA ARG A 97 -29.60 -5.44 -11.09
C ARG A 97 -28.41 -4.63 -11.55
N GLY A 98 -27.23 -5.07 -11.16
CA GLY A 98 -26.00 -4.49 -11.67
C GLY A 98 -25.55 -3.34 -10.83
N ILE A 99 -25.96 -3.35 -9.56
CA ILE A 99 -25.67 -2.22 -8.67
C ILE A 99 -24.67 -2.55 -7.56
N PRO A 100 -23.48 -1.97 -7.61
CA PRO A 100 -22.50 -2.23 -6.53
C PRO A 100 -22.87 -1.54 -5.25
N VAL A 101 -22.48 -2.17 -4.13
CA VAL A 101 -22.71 -1.62 -2.80
C VAL A 101 -21.37 -1.47 -2.10
N PHE A 102 -21.13 -0.26 -1.57
CA PHE A 102 -19.86 0.13 -0.99
C PHE A 102 -20.08 0.46 0.47
N ASN A 103 -19.05 0.34 1.28
CA ASN A 103 -19.21 0.72 2.68
C ASN A 103 -17.91 1.33 3.27
N ALA A 104 -17.82 1.41 4.59
CA ALA A 104 -16.63 1.99 5.20
C ALA A 104 -16.17 1.13 6.34
N PRO A 105 -15.63 -0.04 6.03
CA PRO A 105 -15.24 -1.01 7.08
C PRO A 105 -14.13 -0.59 8.06
N PHE A 106 -13.26 0.36 7.71
CA PHE A 106 -12.16 0.76 8.61
C PHE A 106 -12.06 2.27 8.96
N SER A 107 -13.08 3.07 8.64
CA SER A 107 -13.03 4.46 9.04
C SER A 107 -13.19 4.79 10.54
N ASN A 108 -13.37 3.77 11.38
CA ASN A 108 -13.74 3.95 12.80
C ASN A 108 -12.62 3.68 13.80
N THR A 109 -11.46 3.25 13.30
CA THR A 109 -10.35 2.78 14.12
C THR A 109 -10.07 3.57 15.42
N ARG A 110 -9.62 4.81 15.29
CA ARG A 110 -9.38 5.70 16.43
C ARG A 110 -10.55 5.76 17.45
N SER A 111 -11.75 6.04 16.97
CA SER A 111 -12.92 6.10 17.86
C SER A 111 -13.00 4.90 18.79
N VAL A 112 -12.79 3.69 18.25
CA VAL A 112 -12.90 2.51 19.08
C VAL A 112 -11.74 2.41 20.01
N ALA A 113 -10.49 2.57 19.54
CA ALA A 113 -9.35 2.53 20.51
C ALA A 113 -9.48 3.54 21.66
N GLU A 114 -9.74 4.79 21.35
CA GLU A 114 -9.88 5.76 22.41
C GLU A 114 -10.94 5.35 23.40
N LEU A 115 -11.94 4.57 23.00
CA LEU A 115 -13.03 4.24 23.94
C LEU A 115 -12.52 3.19 24.88
N VAL A 116 -11.71 2.32 24.35
CA VAL A 116 -11.19 1.27 25.15
C VAL A 116 -10.17 1.83 26.14
N ILE A 117 -9.47 2.90 25.79
CA ILE A 117 -8.49 3.45 26.76
C ILE A 117 -9.23 4.09 27.94
N GLY A 118 -10.14 5.02 27.64
CA GLY A 118 -10.90 5.60 28.74
C GLY A 118 -11.57 4.53 29.60
N GLU A 119 -12.19 3.55 29.00
CA GLU A 119 -12.88 2.59 29.86
C GLU A 119 -11.89 1.81 30.73
N LEU A 120 -10.73 1.45 30.21
CA LEU A 120 -9.82 0.71 31.06
C LEU A 120 -9.18 1.62 32.11
N LEU A 121 -9.03 2.91 31.82
CA LEU A 121 -8.60 3.88 32.86
C LEU A 121 -9.62 3.93 34.03
N LEU A 122 -10.88 4.08 33.71
CA LEU A 122 -11.78 4.24 34.79
C LEU A 122 -12.12 2.90 35.45
N LEU A 123 -12.20 1.82 34.67
CA LEU A 123 -12.46 0.49 35.26
C LEU A 123 -11.39 0.10 36.23
N LEU A 124 -10.14 0.35 35.86
CA LEU A 124 -9.01 -0.02 36.71
C LEU A 124 -9.14 0.75 38.02
N ARG A 125 -9.74 1.94 37.95
CA ARG A 125 -9.95 2.79 39.14
C ARG A 125 -11.23 2.52 39.94
N GLY A 126 -12.12 1.69 39.44
CA GLY A 126 -13.35 1.47 40.15
C GLY A 126 -14.24 2.68 40.04
N VAL A 127 -14.01 3.53 39.06
CA VAL A 127 -14.89 4.66 38.94
C VAL A 127 -16.32 4.27 38.70
N PRO A 128 -16.58 3.40 37.71
CA PRO A 128 -18.00 3.14 37.43
C PRO A 128 -18.81 2.77 38.65
N GLU A 129 -18.22 2.06 39.61
CA GLU A 129 -18.96 1.71 40.83
C GLU A 129 -19.11 2.90 41.78
N ALA A 130 -18.01 3.59 42.03
CA ALA A 130 -18.03 4.80 42.84
C ALA A 130 -19.05 5.81 42.31
N ASN A 131 -19.12 5.96 40.99
CA ASN A 131 -20.06 6.87 40.43
C ASN A 131 -21.53 6.49 40.59
N ALA A 132 -21.85 5.21 40.55
CA ALA A 132 -23.23 4.78 40.65
C ALA A 132 -23.65 4.92 42.09
N LYS A 133 -22.74 4.63 43.01
CA LYS A 133 -23.05 4.83 44.39
C LYS A 133 -23.19 6.32 44.64
N ALA A 134 -22.33 7.13 44.05
CA ALA A 134 -22.46 8.55 44.30
C ALA A 134 -23.81 9.06 43.87
N HIS A 135 -24.33 8.64 42.72
CA HIS A 135 -25.64 9.16 42.26
C HIS A 135 -26.78 8.62 43.08
N ARG A 136 -26.45 7.78 44.03
CA ARG A 136 -27.48 7.13 44.81
C ARG A 136 -27.26 7.63 46.24
N GLY A 137 -26.44 8.66 46.39
CA GLY A 137 -26.16 9.26 47.70
C GLY A 137 -25.27 8.47 48.65
N VAL A 138 -24.63 7.42 48.17
CA VAL A 138 -23.68 6.63 48.95
C VAL A 138 -22.29 7.09 48.63
N TRP A 139 -21.42 7.24 49.64
CA TRP A 139 -20.02 7.69 49.41
C TRP A 139 -19.08 6.52 49.67
N ASN A 140 -18.31 6.15 48.67
CA ASN A 140 -17.47 5.00 48.77
C ASN A 140 -16.02 5.24 48.46
N LYS A 141 -15.31 5.86 49.39
CA LYS A 141 -13.88 5.99 49.25
C LYS A 141 -13.23 4.64 49.55
N LEU A 142 -12.26 4.31 48.71
CA LEU A 142 -11.23 3.35 49.06
C LEU A 142 -10.09 3.50 48.03
N ALA A 143 -8.94 2.93 48.37
CA ALA A 143 -7.81 2.86 47.45
C ALA A 143 -7.54 1.40 47.15
N ALA A 144 -7.84 0.56 48.16
CA ALA A 144 -7.75 -0.92 48.09
C ALA A 144 -8.29 -1.53 46.78
N GLY A 145 -7.41 -2.07 45.96
CA GLY A 145 -7.82 -2.51 44.64
C GLY A 145 -8.02 -1.44 43.54
N SER A 146 -7.66 -0.17 43.76
CA SER A 146 -7.61 0.80 42.67
C SER A 146 -6.24 0.92 42.04
N PHE A 147 -6.13 0.93 40.72
CA PHE A 147 -4.80 0.91 40.10
C PHE A 147 -4.61 1.91 39.01
N GLU A 148 -3.39 2.37 38.81
CA GLU A 148 -3.17 3.18 37.64
C GLU A 148 -2.85 2.22 36.53
N ALA A 149 -2.84 2.71 35.30
CA ALA A 149 -2.65 1.86 34.15
C ALA A 149 -1.15 1.68 33.82
N ARG A 150 -0.37 2.74 34.05
CA ARG A 150 1.05 2.67 33.81
C ARG A 150 1.54 1.45 34.59
N GLY A 151 2.21 0.51 33.94
CA GLY A 151 2.71 -0.65 34.64
C GLY A 151 1.94 -1.93 34.43
N LYS A 152 0.66 -1.79 34.07
CA LYS A 152 -0.24 -2.93 33.84
C LYS A 152 -0.05 -3.62 32.49
N LYS A 153 -0.48 -4.88 32.42
CA LYS A 153 -0.44 -5.62 31.18
C LYS A 153 -1.80 -5.59 30.48
N LEU A 154 -1.77 -5.24 29.20
CA LEU A 154 -2.96 -5.17 28.37
C LEU A 154 -2.88 -6.27 27.39
N GLY A 155 -3.88 -7.12 27.28
CA GLY A 155 -3.79 -8.19 26.31
C GLY A 155 -4.84 -7.98 25.23
N ILE A 156 -4.42 -7.77 23.99
CA ILE A 156 -5.33 -7.33 22.95
C ILE A 156 -5.54 -8.59 22.16
N ILE A 157 -6.77 -9.06 22.01
CA ILE A 157 -7.06 -10.22 21.16
C ILE A 157 -7.65 -9.81 19.82
N GLY A 158 -6.87 -10.06 18.76
CA GLY A 158 -7.22 -9.64 17.44
C GLY A 158 -6.45 -8.39 17.14
N TYR A 159 -5.30 -8.54 16.48
CA TYR A 159 -4.38 -7.43 16.24
C TYR A 159 -4.45 -6.82 14.84
N GLY A 160 -5.65 -6.43 14.42
CA GLY A 160 -5.90 -5.79 13.13
C GLY A 160 -5.84 -4.27 13.20
N HIS A 161 -6.74 -3.61 12.49
CA HIS A 161 -6.68 -2.17 12.42
C HIS A 161 -6.83 -1.59 13.79
N ILE A 162 -7.86 -2.01 14.55
CA ILE A 162 -8.14 -1.36 15.83
C ILE A 162 -7.18 -1.85 16.89
N GLY A 163 -6.95 -3.17 16.91
CA GLY A 163 -6.01 -3.70 17.88
C GLY A 163 -4.65 -2.99 17.86
N THR A 164 -4.20 -2.61 16.66
CA THR A 164 -2.89 -2.00 16.59
C THR A 164 -2.94 -0.54 17.03
N GLN A 165 -4.01 0.19 16.71
CA GLN A 165 -4.10 1.55 17.20
C GLN A 165 -4.19 1.56 18.73
N LEU A 166 -4.95 0.64 19.27
CA LEU A 166 -5.09 0.58 20.72
C LEU A 166 -3.73 0.33 21.37
N GLY A 167 -3.07 -0.80 21.02
CA GLY A 167 -1.69 -1.06 21.47
C GLY A 167 -0.80 0.17 21.55
N ILE A 168 -0.72 0.93 20.44
CA ILE A 168 0.00 2.19 20.44
C ILE A 168 -0.49 3.16 21.51
N LEU A 169 -1.79 3.49 21.49
CA LEU A 169 -2.34 4.32 22.56
C LEU A 169 -1.88 3.85 23.95
N ALA A 170 -2.10 2.58 24.27
CA ALA A 170 -1.79 2.01 25.58
C ALA A 170 -0.35 2.17 25.96
N GLU A 171 0.52 2.06 24.97
CA GLU A 171 1.93 2.18 25.22
C GLU A 171 2.22 3.65 25.66
N SER A 172 1.64 4.65 24.97
CA SER A 172 1.75 6.03 25.46
C SER A 172 1.46 6.17 26.96
N LEU A 173 0.48 5.42 27.46
CA LEU A 173 0.14 5.45 28.87
C LEU A 173 1.03 4.59 29.77
N GLY A 174 2.05 3.98 29.18
CA GLY A 174 2.94 3.09 29.95
C GLY A 174 2.44 1.69 30.29
N MET A 175 1.72 1.05 29.39
CA MET A 175 1.35 -0.32 29.63
C MET A 175 2.22 -1.23 28.81
N TYR A 176 2.24 -2.49 29.19
CA TYR A 176 2.96 -3.48 28.45
C TYR A 176 1.93 -4.13 27.56
N VAL A 177 2.02 -3.95 26.25
CA VAL A 177 0.98 -4.42 25.33
C VAL A 177 1.36 -5.81 24.93
N TYR A 178 0.40 -6.70 24.78
CA TYR A 178 0.68 -8.07 24.37
C TYR A 178 -0.51 -8.51 23.56
N PHE A 179 -0.30 -9.31 22.53
CA PHE A 179 -1.43 -9.63 21.71
C PHE A 179 -1.50 -11.06 21.26
N TYR A 180 -2.67 -11.40 20.75
CA TYR A 180 -2.89 -12.67 20.19
C TYR A 180 -3.76 -12.56 18.95
N ASP A 181 -3.20 -13.02 17.84
CA ASP A 181 -3.91 -12.98 16.57
C ASP A 181 -3.63 -14.36 15.94
N ILE A 182 -4.40 -14.76 14.93
CA ILE A 182 -4.29 -16.10 14.34
C ILE A 182 -3.28 -16.08 13.20
N GLU A 183 -3.16 -14.93 12.56
CA GLU A 183 -2.14 -14.64 11.57
C GLU A 183 -0.90 -14.16 12.33
N ASN A 184 0.28 -14.63 11.98
CA ASN A 184 1.46 -14.09 12.64
C ASN A 184 1.62 -12.61 12.20
N LYS A 185 2.08 -11.73 13.08
CA LYS A 185 2.05 -10.30 12.73
C LYS A 185 3.34 -9.62 13.06
N LEU A 186 3.49 -8.42 12.49
CA LEU A 186 4.58 -7.53 12.80
C LEU A 186 4.17 -6.51 13.87
N PRO A 187 4.67 -6.67 15.10
CA PRO A 187 4.39 -5.85 16.27
C PRO A 187 4.84 -4.43 16.09
N LEU A 188 4.00 -3.47 16.45
CA LEU A 188 4.43 -2.08 16.36
C LEU A 188 4.91 -1.69 17.73
N GLY A 189 5.96 -0.87 17.79
CA GLY A 189 6.42 -0.34 19.06
C GLY A 189 6.95 -1.47 19.90
N ASN A 190 6.37 -1.71 21.07
CA ASN A 190 6.94 -2.74 21.92
C ASN A 190 5.98 -3.86 22.09
N ALA A 191 4.94 -3.90 21.29
CA ALA A 191 3.95 -4.96 21.41
C ALA A 191 4.65 -6.31 21.34
N THR A 192 4.01 -7.38 21.76
CA THR A 192 4.70 -8.64 21.78
C THR A 192 3.69 -9.70 21.45
N GLN A 193 3.95 -10.52 20.43
CA GLN A 193 2.95 -11.50 20.07
C GLN A 193 3.11 -12.63 21.03
N VAL A 194 1.99 -13.22 21.41
CA VAL A 194 1.97 -14.35 22.30
C VAL A 194 1.41 -15.49 21.46
N GLN A 195 1.98 -16.68 21.60
CA GLN A 195 1.58 -17.72 20.68
C GLN A 195 0.30 -18.42 21.15
N HIS A 196 0.21 -18.68 22.45
CA HIS A 196 -1.06 -19.25 22.99
C HIS A 196 -2.01 -18.29 23.73
N LEU A 197 -3.23 -18.17 23.21
CA LEU A 197 -4.29 -17.46 23.94
C LEU A 197 -4.26 -17.65 25.48
N SER A 198 -4.35 -18.88 25.95
CA SER A 198 -4.34 -19.12 27.38
C SER A 198 -3.20 -18.37 28.10
N ASP A 199 -2.08 -18.16 27.44
CA ASP A 199 -0.98 -17.48 28.11
C ASP A 199 -1.08 -15.97 28.03
N LEU A 200 -1.78 -15.46 27.02
CA LEU A 200 -2.19 -14.05 26.99
C LEU A 200 -3.15 -13.74 28.16
N LEU A 201 -4.20 -14.54 28.26
CA LEU A 201 -5.10 -14.47 29.37
C LEU A 201 -4.42 -14.53 30.77
N ASN A 202 -3.66 -15.57 31.09
CA ASN A 202 -3.02 -15.56 32.40
C ASN A 202 -2.24 -14.29 32.75
N MET A 203 -1.55 -13.67 31.82
CA MET A 203 -0.71 -12.53 32.18
C MET A 203 -1.40 -11.17 32.15
N SER A 204 -2.60 -11.11 31.56
CA SER A 204 -3.27 -9.84 31.29
C SER A 204 -4.14 -9.26 32.42
N ASP A 205 -3.83 -8.04 32.76
CA ASP A 205 -4.61 -7.25 33.68
C ASP A 205 -5.90 -6.78 32.99
N VAL A 206 -5.86 -6.62 31.67
CA VAL A 206 -7.03 -6.14 30.93
C VAL A 206 -7.05 -6.87 29.61
N VAL A 207 -8.17 -7.46 29.23
CA VAL A 207 -8.19 -8.18 27.95
C VAL A 207 -9.22 -7.56 27.11
N SER A 208 -8.86 -7.22 25.87
CA SER A 208 -9.78 -6.49 25.05
C SER A 208 -9.89 -7.18 23.70
N LEU A 209 -11.11 -7.43 23.24
CA LEU A 209 -11.39 -8.20 22.02
C LEU A 209 -11.51 -7.32 20.82
N HIS A 210 -10.76 -7.62 19.77
CA HIS A 210 -10.87 -6.81 18.54
C HIS A 210 -10.86 -7.70 17.28
N VAL A 211 -11.89 -8.54 17.17
CA VAL A 211 -11.96 -9.57 16.15
C VAL A 211 -13.22 -9.47 15.34
N PRO A 212 -13.24 -10.15 14.20
CA PRO A 212 -14.41 -10.19 13.32
C PRO A 212 -15.43 -11.20 13.78
N GLU A 213 -16.55 -11.23 13.08
CA GLU A 213 -17.65 -12.13 13.39
C GLU A 213 -17.64 -13.36 12.46
N ASN A 214 -17.64 -14.56 13.05
CA ASN A 214 -17.68 -15.79 12.27
C ASN A 214 -17.46 -16.98 13.19
N PRO A 215 -17.78 -18.20 12.74
CA PRO A 215 -17.61 -19.43 13.50
C PRO A 215 -16.39 -19.48 14.37
N SER A 216 -15.24 -19.03 13.89
CA SER A 216 -14.08 -19.01 14.77
C SER A 216 -14.29 -18.08 15.99
N THR A 217 -15.18 -17.09 15.89
CA THR A 217 -15.39 -16.12 16.97
C THR A 217 -16.68 -16.29 17.80
N LYS A 218 -17.62 -17.10 17.32
CA LYS A 218 -18.82 -17.39 18.10
C LYS A 218 -18.40 -17.87 19.49
N ASN A 219 -18.70 -17.08 20.51
CA ASN A 219 -18.37 -17.47 21.86
C ASN A 219 -16.93 -17.83 22.14
N MET A 220 -16.02 -17.14 21.47
CA MET A 220 -14.59 -17.30 21.73
C MET A 220 -14.27 -17.13 23.20
N MET A 221 -14.86 -16.14 23.85
CA MET A 221 -14.65 -15.94 25.30
C MET A 221 -15.81 -16.59 26.04
N GLY A 222 -15.59 -17.82 26.47
CA GLY A 222 -16.62 -18.55 27.17
C GLY A 222 -16.10 -18.82 28.56
N ALA A 223 -16.93 -19.44 29.38
CA ALA A 223 -16.49 -19.83 30.69
C ALA A 223 -15.02 -20.25 30.68
N LYS A 224 -14.68 -21.24 29.87
CA LYS A 224 -13.36 -21.79 30.01
C LYS A 224 -12.34 -20.67 29.85
N GLU A 225 -12.49 -19.85 28.82
CA GLU A 225 -11.54 -18.74 28.56
C GLU A 225 -11.59 -17.64 29.63
N ILE A 226 -12.79 -17.27 30.03
CA ILE A 226 -12.90 -16.31 31.10
C ILE A 226 -12.17 -16.83 32.32
N SER A 227 -12.39 -18.10 32.70
CA SER A 227 -11.72 -18.62 33.91
C SER A 227 -10.21 -18.55 33.81
N LEU A 228 -9.66 -18.51 32.61
CA LEU A 228 -8.23 -18.47 32.48
C LEU A 228 -7.69 -17.08 32.83
N MET A 229 -8.52 -16.06 32.64
CA MET A 229 -8.09 -14.68 32.91
C MET A 229 -7.52 -14.48 34.31
N LYS A 230 -6.62 -13.51 34.44
CA LYS A 230 -5.98 -13.30 35.70
C LYS A 230 -7.03 -12.80 36.72
N PRO A 231 -7.04 -13.41 37.92
CA PRO A 231 -8.10 -13.00 38.84
C PRO A 231 -8.00 -11.49 39.06
N GLY A 232 -9.11 -10.78 39.03
CA GLY A 232 -9.01 -9.40 39.38
C GLY A 232 -8.94 -8.58 38.11
N SER A 233 -8.99 -9.24 36.96
CA SER A 233 -8.79 -8.54 35.73
C SER A 233 -10.10 -7.96 35.22
N LEU A 234 -10.02 -7.29 34.08
CA LEU A 234 -11.16 -6.72 33.37
C LEU A 234 -11.14 -7.17 31.91
N LEU A 235 -12.33 -7.40 31.36
CA LEU A 235 -12.50 -7.89 30.03
C LEU A 235 -13.22 -6.77 29.39
N ILE A 236 -12.77 -6.28 28.23
CA ILE A 236 -13.51 -5.22 27.57
C ILE A 236 -13.81 -5.72 26.20
N ASN A 237 -15.04 -5.59 25.75
CA ASN A 237 -15.45 -6.08 24.40
C ASN A 237 -16.22 -5.04 23.55
N ALA A 238 -15.53 -4.35 22.65
CA ALA A 238 -16.21 -3.49 21.71
C ALA A 238 -16.10 -4.03 20.28
N SER A 239 -15.93 -5.33 20.16
CA SER A 239 -15.82 -5.92 18.86
C SER A 239 -17.22 -6.34 18.31
N ARG A 240 -17.58 -7.62 18.50
CA ARG A 240 -18.84 -8.19 17.99
C ARG A 240 -19.64 -8.83 19.11
N GLY A 241 -20.96 -8.76 18.98
CA GLY A 241 -21.84 -9.17 20.05
C GLY A 241 -21.91 -10.66 20.32
N THR A 242 -21.11 -11.43 19.60
CA THR A 242 -21.32 -12.87 19.51
C THR A 242 -20.13 -13.60 20.12
N VAL A 243 -19.16 -12.79 20.53
CA VAL A 243 -17.83 -13.23 20.80
C VAL A 243 -17.56 -13.59 22.26
N VAL A 244 -18.34 -13.01 23.18
CA VAL A 244 -18.22 -13.34 24.59
C VAL A 244 -19.53 -13.97 25.02
N ASP A 245 -19.47 -14.90 25.96
CA ASP A 245 -20.67 -15.53 26.49
C ASP A 245 -21.25 -14.74 27.70
N ILE A 246 -22.40 -14.08 27.52
CA ILE A 246 -22.87 -13.18 28.60
C ILE A 246 -23.26 -13.87 29.93
N PRO A 247 -24.03 -14.95 29.87
CA PRO A 247 -24.18 -15.62 31.19
C PRO A 247 -22.86 -16.03 31.86
N ALA A 248 -21.84 -16.40 31.07
CA ALA A 248 -20.57 -16.86 31.68
C ALA A 248 -19.77 -15.74 32.26
N LEU A 249 -19.95 -14.54 31.71
CA LEU A 249 -19.26 -13.34 32.17
C LEU A 249 -19.94 -12.85 33.43
N ALA A 250 -21.27 -12.86 33.37
CA ALA A 250 -22.12 -12.54 34.50
C ALA A 250 -21.66 -13.32 35.73
N ASP A 251 -21.57 -14.67 35.63
CA ASP A 251 -21.06 -15.49 36.77
C ASP A 251 -19.65 -15.09 37.16
N ALA A 252 -18.78 -14.84 36.19
CA ALA A 252 -17.44 -14.54 36.59
C ALA A 252 -17.36 -13.18 37.31
N LEU A 253 -18.21 -12.23 36.92
CA LEU A 253 -18.34 -10.98 37.64
C LEU A 253 -18.91 -11.20 39.06
N ALA A 254 -19.95 -11.99 39.14
CA ALA A 254 -20.54 -12.39 40.41
C ALA A 254 -19.48 -13.00 41.35
N SER A 255 -18.62 -13.88 40.86
CA SER A 255 -17.75 -14.53 41.83
C SER A 255 -16.57 -13.63 42.16
N LYS A 256 -16.61 -12.40 41.63
CA LYS A 256 -15.48 -11.46 41.73
C LYS A 256 -14.21 -11.99 41.08
N HIS A 257 -14.36 -12.92 40.16
CA HIS A 257 -13.17 -13.42 39.54
C HIS A 257 -12.67 -12.36 38.59
N LEU A 258 -13.59 -11.68 37.90
CA LEU A 258 -13.21 -10.41 37.25
C LEU A 258 -13.55 -9.21 38.15
N ALA A 259 -12.83 -8.11 38.02
CA ALA A 259 -13.23 -6.92 38.80
C ALA A 259 -14.09 -5.94 38.03
N GLY A 260 -14.39 -6.24 36.76
CA GLY A 260 -15.26 -5.37 36.00
C GLY A 260 -15.18 -5.65 34.51
N ALA A 261 -15.98 -4.92 33.72
CA ALA A 261 -16.06 -5.16 32.32
C ALA A 261 -16.68 -3.97 31.60
N ALA A 262 -16.38 -3.89 30.32
CA ALA A 262 -17.08 -2.95 29.50
C ALA A 262 -17.54 -3.75 28.31
N ILE A 263 -18.82 -3.61 27.98
CA ILE A 263 -19.40 -4.23 26.85
C ILE A 263 -20.14 -3.14 26.02
N ASP A 264 -19.85 -3.10 24.71
CA ASP A 264 -20.48 -2.17 23.79
C ASP A 264 -21.47 -2.88 22.82
N VAL A 265 -21.40 -4.20 22.77
CA VAL A 265 -22.16 -4.94 21.79
C VAL A 265 -22.63 -6.20 22.45
N PHE A 266 -23.84 -6.61 22.08
CA PHE A 266 -24.58 -7.69 22.77
C PHE A 266 -25.14 -8.69 21.76
N PRO A 267 -25.39 -9.96 22.19
CA PRO A 267 -25.95 -10.96 21.28
C PRO A 267 -27.24 -10.46 20.71
N THR A 268 -27.97 -9.64 21.43
CA THR A 268 -29.20 -9.08 20.90
C THR A 268 -29.26 -7.61 21.23
N GLU A 269 -29.32 -6.78 20.22
CA GLU A 269 -29.36 -5.36 20.48
C GLU A 269 -30.74 -4.87 20.15
N PRO A 270 -31.26 -3.92 20.94
CA PRO A 270 -32.54 -3.30 20.63
C PRO A 270 -32.50 -2.69 19.24
N ALA A 271 -33.63 -2.71 18.55
CA ALA A 271 -33.71 -2.16 17.20
C ALA A 271 -33.67 -0.62 17.12
N THR A 272 -34.14 0.08 18.15
CA THR A 272 -34.14 1.53 18.15
C THR A 272 -34.03 2.04 19.56
N ASN A 273 -33.66 3.31 19.67
CA ASN A 273 -33.60 3.97 20.95
C ASN A 273 -34.89 3.80 21.77
N SER A 274 -35.99 3.56 21.08
CA SER A 274 -37.26 3.53 21.75
C SER A 274 -37.41 2.19 22.40
N ASP A 275 -36.80 1.19 21.80
CA ASP A 275 -36.93 -0.15 22.32
C ASP A 275 -36.23 -0.29 23.66
N PRO A 276 -36.58 -1.36 24.41
CA PRO A 276 -36.04 -1.54 25.73
C PRO A 276 -34.83 -2.48 25.62
N PHE A 277 -33.89 -2.30 26.54
CA PHE A 277 -32.63 -3.03 26.56
C PHE A 277 -32.62 -3.81 27.83
N THR A 278 -32.34 -5.08 27.75
CA THR A 278 -32.29 -5.87 28.94
C THR A 278 -31.10 -6.79 28.87
N SER A 279 -30.42 -6.97 30.01
CA SER A 279 -29.17 -7.72 30.10
C SER A 279 -28.93 -8.16 31.52
N PRO A 280 -28.39 -9.35 31.70
CA PRO A 280 -28.13 -9.70 33.08
C PRO A 280 -26.98 -8.90 33.68
N LEU A 281 -26.27 -8.10 32.89
CA LEU A 281 -25.14 -7.39 33.44
C LEU A 281 -25.58 -6.08 34.05
N ALA A 282 -26.76 -5.60 33.65
CA ALA A 282 -27.28 -4.34 34.21
C ALA A 282 -27.35 -4.36 35.75
N GLU A 283 -27.34 -5.54 36.35
CA GLU A 283 -27.28 -5.71 37.81
C GLU A 283 -25.89 -5.38 38.38
N PHE A 284 -24.91 -5.09 37.52
CA PHE A 284 -23.59 -4.78 38.02
C PHE A 284 -23.14 -3.31 37.87
N ASP A 285 -22.92 -2.67 39.01
CA ASP A 285 -22.33 -1.36 39.08
C ASP A 285 -20.96 -1.27 38.41
N ASN A 286 -20.19 -2.34 38.52
CA ASN A 286 -18.82 -2.31 38.04
C ASN A 286 -18.71 -2.83 36.64
N VAL A 287 -19.77 -2.64 35.85
CA VAL A 287 -19.71 -2.94 34.44
C VAL A 287 -20.13 -1.70 33.66
N LEU A 288 -19.25 -1.23 32.77
CA LEU A 288 -19.67 -0.25 31.78
C LEU A 288 -20.55 -0.91 30.70
N LEU A 289 -21.76 -0.42 30.48
CA LEU A 289 -22.58 -0.95 29.40
C LEU A 289 -22.87 0.21 28.47
N THR A 290 -22.52 0.09 27.19
CA THR A 290 -22.74 1.15 26.21
C THR A 290 -23.60 0.61 25.05
N PRO A 291 -24.42 1.47 24.43
CA PRO A 291 -25.28 0.95 23.35
C PRO A 291 -24.56 0.99 22.00
N HIS A 292 -23.48 0.24 21.87
CA HIS A 292 -22.83 0.10 20.59
C HIS A 292 -22.45 1.47 20.04
N ILE A 293 -21.59 2.16 20.76
CA ILE A 293 -21.16 3.47 20.34
C ILE A 293 -19.65 3.59 20.14
N GLY A 294 -18.95 2.48 20.33
CA GLY A 294 -17.53 2.45 19.99
C GLY A 294 -17.27 3.12 18.64
N GLY A 295 -18.24 2.99 17.74
CA GLY A 295 -18.16 3.66 16.44
C GLY A 295 -18.74 5.08 16.37
N SER A 296 -19.30 5.60 17.45
CA SER A 296 -20.21 6.70 17.21
C SER A 296 -19.65 8.03 17.50
N THR A 297 -18.75 8.51 16.65
CA THR A 297 -18.16 9.85 16.87
C THR A 297 -18.33 10.74 15.67
N GLN A 298 -18.22 12.05 15.85
CA GLN A 298 -18.29 12.89 14.68
C GLN A 298 -17.08 12.69 13.74
N GLU A 299 -15.93 12.32 14.29
CA GLU A 299 -14.79 12.12 13.41
C GLU A 299 -14.98 10.87 12.52
N ALA A 300 -15.42 9.75 13.10
CA ALA A 300 -15.75 8.63 12.27
C ALA A 300 -16.90 8.99 11.32
N GLN A 301 -17.97 9.58 11.82
CA GLN A 301 -18.96 10.06 10.87
C GLN A 301 -18.30 10.81 9.74
N GLU A 302 -17.32 11.63 10.05
CA GLU A 302 -16.67 12.38 9.01
C GLU A 302 -15.78 11.48 8.14
N ASN A 303 -14.85 10.71 8.74
CA ASN A 303 -14.07 9.76 7.92
C ASN A 303 -14.94 8.95 7.00
N ILE A 304 -16.04 8.43 7.55
CA ILE A 304 -16.96 7.62 6.76
C ILE A 304 -17.57 8.42 5.62
N GLY A 305 -18.03 9.62 5.91
CA GLY A 305 -18.59 10.50 4.91
C GLY A 305 -17.67 10.62 3.72
N LEU A 306 -16.42 10.99 3.98
CA LEU A 306 -15.42 11.19 2.91
C LEU A 306 -15.12 9.96 2.05
N GLU A 307 -14.94 8.81 2.69
CA GLU A 307 -14.57 7.59 2.03
C GLU A 307 -15.66 6.95 1.20
N VAL A 308 -16.83 6.72 1.80
CA VAL A 308 -17.88 6.18 1.00
C VAL A 308 -18.37 7.14 -0.10
N ALA A 309 -18.38 8.45 0.12
CA ALA A 309 -18.71 9.37 -1.02
C ALA A 309 -17.65 9.30 -2.10
N GLY A 310 -16.39 9.14 -1.70
CA GLY A 310 -15.36 9.02 -2.70
C GLY A 310 -15.42 7.70 -3.43
N LYS A 311 -15.87 6.64 -2.77
CA LYS A 311 -16.06 5.38 -3.46
C LYS A 311 -17.21 5.45 -4.50
N LEU A 312 -18.29 6.16 -4.20
CA LEU A 312 -19.34 6.45 -5.19
C LEU A 312 -18.85 7.43 -6.26
N ILE A 313 -18.10 8.45 -5.87
CA ILE A 313 -17.59 9.32 -6.91
C ILE A 313 -16.76 8.52 -7.93
N LYS A 314 -15.80 7.72 -7.45
CA LYS A 314 -14.97 6.92 -8.37
C LYS A 314 -15.73 5.91 -9.23
N TYR A 315 -16.66 5.13 -8.68
CA TYR A 315 -17.50 4.29 -9.53
C TYR A 315 -18.18 5.16 -10.57
N SER A 316 -18.67 6.33 -10.18
CA SER A 316 -19.33 7.15 -11.18
C SER A 316 -18.40 7.73 -12.25
N ASP A 317 -17.16 8.06 -11.88
CA ASP A 317 -16.28 8.79 -12.78
C ASP A 317 -15.40 7.86 -13.57
N ASN A 318 -14.74 6.93 -12.93
CA ASN A 318 -13.91 6.02 -13.65
C ASN A 318 -14.26 4.53 -13.54
N GLY A 319 -15.43 4.21 -13.00
CA GLY A 319 -15.86 2.82 -13.06
C GLY A 319 -15.27 1.90 -12.02
N SER A 320 -14.45 2.38 -11.10
CA SER A 320 -13.85 1.47 -10.16
C SER A 320 -14.85 0.83 -9.19
N THR A 321 -14.77 -0.50 -9.04
CA THR A 321 -15.51 -1.22 -8.00
C THR A 321 -14.58 -1.84 -6.98
N LEU A 322 -13.39 -1.28 -6.84
CA LEU A 322 -12.46 -1.73 -5.81
C LEU A 322 -13.13 -1.61 -4.46
N SER A 323 -13.26 -2.75 -3.80
CA SER A 323 -13.74 -2.87 -2.41
C SER A 323 -15.27 -3.00 -2.30
N ALA A 324 -15.96 -2.90 -3.42
CA ALA A 324 -17.36 -3.19 -3.44
C ALA A 324 -17.62 -4.52 -2.74
N VAL A 325 -18.72 -4.55 -2.04
CA VAL A 325 -19.04 -5.61 -1.14
C VAL A 325 -19.77 -6.81 -1.79
N ASN A 326 -20.47 -6.57 -2.90
CA ASN A 326 -21.36 -7.52 -3.54
C ASN A 326 -21.07 -7.70 -5.03
N PHE A 327 -19.84 -7.49 -5.43
CA PHE A 327 -19.60 -7.21 -6.82
C PHE A 327 -18.17 -7.56 -7.19
N PRO A 328 -17.90 -7.94 -8.44
CA PRO A 328 -16.50 -8.18 -8.83
C PRO A 328 -15.66 -6.87 -8.82
N GLU A 329 -14.48 -6.94 -8.20
CA GLU A 329 -13.68 -5.74 -7.99
C GLU A 329 -12.80 -5.44 -9.18
N VAL A 330 -12.88 -4.23 -9.67
CA VAL A 330 -12.20 -3.89 -10.89
C VAL A 330 -11.89 -2.41 -10.91
N SER A 331 -10.75 -2.11 -11.50
CA SER A 331 -10.10 -0.83 -11.40
C SER A 331 -9.02 -0.73 -12.46
N LEU A 332 -9.01 0.37 -13.21
CA LEU A 332 -8.01 0.59 -14.22
C LEU A 332 -7.42 1.98 -14.02
N PRO A 333 -6.08 2.11 -14.16
CA PRO A 333 -5.48 3.46 -14.10
C PRO A 333 -5.94 4.32 -15.27
N LEU A 334 -6.31 5.56 -15.00
CA LEU A 334 -6.69 6.54 -16.02
C LEU A 334 -5.49 6.87 -16.87
N HIS A 335 -5.56 6.54 -18.16
CA HIS A 335 -4.37 6.59 -19.04
C HIS A 335 -4.68 6.90 -20.48
N VAL A 336 -5.82 7.52 -20.78
CA VAL A 336 -6.32 7.61 -22.16
C VAL A 336 -7.75 8.10 -22.16
N VAL A 337 -8.04 9.08 -23.00
CA VAL A 337 -9.44 9.50 -23.19
C VAL A 337 -10.30 8.29 -23.57
N ARG A 338 -11.56 8.29 -23.17
CA ARG A 338 -12.53 7.25 -23.59
C ARG A 338 -12.52 5.89 -22.92
N ARG A 339 -13.61 5.61 -22.21
CA ARG A 339 -13.71 4.44 -21.38
C ARG A 339 -15.18 4.12 -21.20
N LEU A 340 -15.47 2.82 -21.12
CA LEU A 340 -16.83 2.32 -20.99
C LEU A 340 -16.84 1.15 -20.05
N MET A 341 -18.02 0.86 -19.52
CA MET A 341 -18.13 -0.36 -18.77
C MET A 341 -19.35 -1.20 -19.19
N HIS A 342 -19.33 -2.47 -18.80
CA HIS A 342 -20.35 -3.37 -19.21
C HIS A 342 -20.52 -4.41 -18.13
N ILE A 343 -21.76 -4.57 -17.71
CA ILE A 343 -22.11 -5.60 -16.74
C ILE A 343 -23.06 -6.65 -17.37
N HIS A 344 -22.75 -7.93 -17.17
CA HIS A 344 -23.41 -9.00 -17.93
C HIS A 344 -23.50 -10.34 -17.22
N GLU A 345 -24.27 -11.26 -17.78
CA GLU A 345 -24.28 -12.61 -17.23
C GLU A 345 -22.95 -13.27 -17.51
N ASN A 346 -22.37 -13.87 -16.50
CA ASN A 346 -21.09 -14.50 -16.69
C ASN A 346 -21.34 -15.79 -17.42
N ARG A 347 -21.23 -15.73 -18.75
CA ARG A 347 -21.27 -16.91 -19.62
C ARG A 347 -20.42 -16.76 -20.88
N PRO A 348 -19.99 -17.89 -21.47
CA PRO A 348 -19.09 -17.90 -22.64
C PRO A 348 -19.53 -17.04 -23.77
N GLY A 349 -18.70 -16.13 -24.24
CA GLY A 349 -18.97 -15.48 -25.51
C GLY A 349 -19.27 -14.01 -25.46
N VAL A 350 -19.45 -13.51 -24.26
CA VAL A 350 -19.89 -12.14 -24.11
C VAL A 350 -18.75 -11.20 -24.47
N LEU A 351 -17.59 -11.45 -23.86
CA LEU A 351 -16.42 -10.62 -24.10
C LEU A 351 -16.10 -10.55 -25.58
N THR A 352 -16.03 -11.71 -26.23
CA THR A 352 -15.74 -11.75 -27.66
C THR A 352 -16.63 -10.79 -28.44
N ALA A 353 -17.93 -10.83 -28.16
CA ALA A 353 -18.92 -9.98 -28.83
C ALA A 353 -18.62 -8.52 -28.57
N LEU A 354 -18.17 -8.28 -27.35
CA LEU A 354 -17.91 -6.95 -26.92
C LEU A 354 -16.71 -6.40 -27.67
N ASN A 355 -15.64 -7.16 -27.69
CA ASN A 355 -14.42 -6.72 -28.34
C ASN A 355 -14.63 -6.57 -29.85
N LYS A 356 -15.52 -7.39 -30.42
CA LYS A 356 -15.72 -7.39 -31.84
C LYS A 356 -16.24 -6.04 -32.26
N ILE A 357 -17.02 -5.42 -31.42
CA ILE A 357 -17.62 -4.16 -31.80
C ILE A 357 -16.55 -3.15 -32.21
N PHE A 358 -15.30 -3.42 -31.90
CA PHE A 358 -14.23 -2.44 -32.14
C PHE A 358 -13.25 -2.98 -33.19
N ALA A 359 -12.85 -4.24 -33.01
CA ALA A 359 -12.06 -4.90 -34.02
C ALA A 359 -12.69 -4.67 -35.41
N GLU A 360 -13.95 -5.06 -35.53
CA GLU A 360 -14.65 -4.96 -36.80
C GLU A 360 -14.84 -3.51 -37.25
N GLN A 361 -14.20 -2.57 -36.60
CA GLN A 361 -14.23 -1.26 -37.19
C GLN A 361 -13.00 -0.45 -36.98
N GLY A 362 -11.89 -1.16 -36.75
CA GLY A 362 -10.54 -0.57 -36.73
C GLY A 362 -10.18 0.25 -35.50
N VAL A 363 -11.04 0.17 -34.50
CA VAL A 363 -10.89 0.90 -33.25
C VAL A 363 -10.05 0.06 -32.31
N ASN A 364 -9.04 0.70 -31.73
CA ASN A 364 -7.98 0.05 -30.99
C ASN A 364 -8.29 0.03 -29.49
N ILE A 365 -8.24 -1.17 -28.90
CA ILE A 365 -8.45 -1.30 -27.45
C ILE A 365 -7.14 -0.96 -26.66
N ALA A 366 -7.19 0.08 -25.83
CA ALA A 366 -6.00 0.50 -25.07
C ALA A 366 -5.81 -0.34 -23.83
N ALA A 367 -6.90 -0.68 -23.17
CA ALA A 367 -6.80 -1.40 -21.91
C ALA A 367 -8.13 -2.02 -21.57
N GLN A 368 -8.11 -3.18 -20.91
CA GLN A 368 -9.34 -3.82 -20.46
C GLN A 368 -9.11 -4.63 -19.21
N TYR A 369 -10.07 -4.51 -18.29
CA TYR A 369 -10.06 -5.29 -17.07
C TYR A 369 -11.43 -5.94 -16.94
N LEU A 370 -11.44 -7.29 -16.83
CA LEU A 370 -12.65 -8.04 -16.60
C LEU A 370 -12.46 -8.91 -15.39
N GLN A 371 -13.41 -8.81 -14.46
CA GLN A 371 -13.48 -9.70 -13.30
C GLN A 371 -14.90 -10.27 -13.23
N THR A 372 -15.00 -11.53 -12.77
CA THR A 372 -16.29 -12.16 -12.69
C THR A 372 -16.66 -12.66 -11.35
N SER A 373 -17.96 -12.81 -11.17
CA SER A 373 -18.57 -13.30 -9.94
C SER A 373 -19.08 -14.69 -10.30
N ALA A 374 -19.59 -15.45 -9.34
CA ALA A 374 -20.20 -16.74 -9.71
C ALA A 374 -21.09 -16.56 -10.93
N GLN A 375 -21.83 -15.46 -10.99
CA GLN A 375 -22.80 -15.32 -12.07
C GLN A 375 -22.90 -13.98 -12.82
N MET A 376 -22.01 -13.02 -12.55
CA MET A 376 -22.03 -11.73 -13.26
C MET A 376 -20.61 -11.33 -13.70
N GLY A 377 -20.40 -10.54 -14.80
CA GLY A 377 -19.03 -9.86 -15.05
C GLY A 377 -19.02 -8.34 -15.17
N TYR A 378 -18.01 -7.65 -14.55
CA TYR A 378 -17.78 -6.26 -14.64
C TYR A 378 -16.64 -6.18 -15.69
N VAL A 379 -16.73 -5.40 -16.80
CA VAL A 379 -15.59 -5.19 -17.61
C VAL A 379 -15.56 -3.71 -17.89
N VAL A 380 -14.36 -3.14 -17.68
CA VAL A 380 -14.04 -1.79 -17.95
C VAL A 380 -13.06 -1.78 -19.09
N ILE A 381 -13.30 -0.93 -20.09
CA ILE A 381 -12.46 -0.91 -21.26
C ILE A 381 -12.16 0.52 -21.64
N ASP A 382 -10.97 0.70 -22.18
CA ASP A 382 -10.44 1.97 -22.57
C ASP A 382 -10.14 1.79 -24.02
N ILE A 383 -10.65 2.70 -24.84
CA ILE A 383 -10.52 2.58 -26.29
C ILE A 383 -10.08 3.94 -26.84
N GLU A 384 -9.33 3.89 -27.95
CA GLU A 384 -8.87 5.10 -28.61
C GLU A 384 -9.84 5.39 -29.75
N ALA A 385 -10.80 6.28 -29.47
CA ALA A 385 -11.92 6.57 -30.34
C ALA A 385 -12.37 7.99 -30.03
N ASP A 386 -13.47 8.44 -30.63
CA ASP A 386 -14.07 9.70 -30.17
C ASP A 386 -15.49 9.47 -29.68
N GLU A 387 -16.12 10.54 -29.23
CA GLU A 387 -17.43 10.41 -28.63
C GLU A 387 -18.42 9.65 -29.52
N ASP A 388 -18.60 10.13 -30.74
CA ASP A 388 -19.59 9.60 -31.68
C ASP A 388 -19.43 8.11 -31.80
N VAL A 389 -18.18 7.71 -31.92
CA VAL A 389 -17.88 6.31 -32.10
C VAL A 389 -18.30 5.55 -30.85
N ALA A 390 -17.93 6.10 -29.70
CA ALA A 390 -18.20 5.49 -28.44
C ALA A 390 -19.70 5.43 -28.20
N GLU A 391 -20.39 6.58 -28.32
CA GLU A 391 -21.83 6.66 -28.13
C GLU A 391 -22.48 5.53 -28.88
N LYS A 392 -21.91 5.23 -30.05
CA LYS A 392 -22.40 4.17 -30.95
C LYS A 392 -22.06 2.77 -30.43
N ALA A 393 -20.80 2.57 -30.05
CA ALA A 393 -20.40 1.29 -29.50
C ALA A 393 -21.28 1.01 -28.28
N LEU A 394 -21.55 2.06 -27.52
CA LEU A 394 -22.38 1.90 -26.34
C LEU A 394 -23.72 1.33 -26.71
N GLN A 395 -24.36 1.91 -27.72
CA GLN A 395 -25.60 1.31 -28.27
C GLN A 395 -25.42 -0.18 -28.46
N ALA A 396 -24.42 -0.55 -29.24
CA ALA A 396 -24.19 -1.96 -29.59
C ALA A 396 -23.90 -2.85 -28.38
N MET A 397 -22.94 -2.44 -27.57
CA MET A 397 -22.68 -3.14 -26.34
C MET A 397 -23.96 -3.45 -25.56
N LYS A 398 -24.82 -2.45 -25.41
CA LYS A 398 -26.09 -2.63 -24.71
C LYS A 398 -26.90 -3.81 -25.30
N ALA A 399 -26.79 -3.99 -26.61
CA ALA A 399 -27.53 -5.05 -27.29
C ALA A 399 -26.89 -6.43 -27.19
N ILE A 400 -25.94 -6.65 -26.30
CA ILE A 400 -25.23 -7.92 -26.32
C ILE A 400 -25.94 -8.99 -25.51
N PRO A 401 -26.31 -10.09 -26.17
CA PRO A 401 -27.04 -11.10 -25.40
C PRO A 401 -26.34 -11.34 -24.06
N GLY A 402 -27.01 -11.01 -22.98
CA GLY A 402 -26.46 -11.33 -21.67
C GLY A 402 -26.20 -10.08 -20.89
N THR A 403 -26.24 -8.96 -21.60
CA THR A 403 -26.01 -7.65 -21.02
C THR A 403 -27.03 -7.41 -19.94
N ILE A 404 -26.61 -6.82 -18.82
CA ILE A 404 -27.51 -6.30 -17.78
C ILE A 404 -27.53 -4.80 -17.81
N ARG A 405 -26.38 -4.19 -18.10
CA ARG A 405 -26.29 -2.72 -18.10
C ARG A 405 -24.96 -2.28 -18.70
N ALA A 406 -24.91 -1.04 -19.20
CA ALA A 406 -23.64 -0.48 -19.63
C ALA A 406 -23.64 1.02 -19.73
N ARG A 407 -22.45 1.59 -19.67
CA ARG A 407 -22.28 3.01 -19.46
C ARG A 407 -21.04 3.47 -20.15
N LEU A 408 -21.11 4.73 -20.58
CA LEU A 408 -19.98 5.45 -21.10
C LEU A 408 -19.52 6.42 -20.02
N LEU A 409 -18.46 6.06 -19.32
CA LEU A 409 -17.94 6.83 -18.18
C LEU A 409 -17.34 8.17 -18.60
N TYR A 410 -16.57 8.17 -19.67
CA TYR A 410 -16.14 9.42 -20.28
C TYR A 410 -15.56 9.09 -21.66
N GLU B 7 7.62 -22.88 -10.45
CA GLU B 7 8.00 -24.27 -10.07
C GLU B 7 9.06 -24.90 -11.01
N LYS B 8 8.69 -25.95 -11.77
CA LYS B 8 9.63 -26.75 -12.61
C LYS B 8 11.16 -26.52 -12.41
N ASP B 9 11.78 -27.41 -11.65
CA ASP B 9 13.23 -27.42 -11.56
C ASP B 9 13.90 -27.57 -12.92
N LYS B 10 13.42 -26.86 -13.93
CA LYS B 10 14.05 -26.90 -15.24
C LYS B 10 14.24 -25.47 -15.66
N ILE B 11 13.53 -24.57 -14.98
CA ILE B 11 13.57 -23.19 -15.39
C ILE B 11 14.90 -22.61 -14.89
N LYS B 12 15.74 -22.20 -15.83
CA LYS B 12 17.11 -21.80 -15.48
C LYS B 12 17.17 -20.34 -15.09
N PHE B 13 17.72 -20.08 -13.92
CA PHE B 13 18.02 -18.73 -13.46
C PHE B 13 19.50 -18.56 -13.50
N LEU B 14 19.93 -17.49 -14.16
CA LEU B 14 21.32 -17.18 -14.16
C LEU B 14 21.41 -16.01 -13.21
N LEU B 15 22.23 -16.11 -12.16
CA LEU B 15 22.43 -14.99 -11.24
C LEU B 15 23.90 -14.55 -11.18
N VAL B 16 24.19 -13.30 -11.55
CA VAL B 16 25.58 -12.89 -11.64
C VAL B 16 25.93 -11.61 -10.87
N GLU B 17 27.22 -11.45 -10.55
CA GLU B 17 27.67 -10.34 -9.70
C GLU B 17 27.19 -10.49 -8.24
N GLY B 18 27.16 -11.72 -7.75
CA GLY B 18 26.98 -11.97 -6.32
C GLY B 18 25.81 -11.30 -5.67
N VAL B 19 24.62 -11.71 -6.10
CA VAL B 19 23.37 -11.23 -5.53
C VAL B 19 23.29 -11.76 -4.10
N HIS B 20 22.54 -11.11 -3.23
CA HIS B 20 22.41 -11.61 -1.87
C HIS B 20 21.79 -13.01 -1.85
N GLN B 21 22.28 -13.84 -0.93
CA GLN B 21 21.81 -15.20 -0.80
C GLN B 21 20.31 -15.28 -0.50
N LYS B 22 19.78 -14.24 0.13
CA LYS B 22 18.35 -14.15 0.33
C LYS B 22 17.62 -14.44 -1.00
N ALA B 23 18.01 -13.77 -2.06
CA ALA B 23 17.39 -14.09 -3.32
C ALA B 23 17.32 -15.61 -3.61
N LEU B 24 18.42 -16.36 -3.40
CA LEU B 24 18.34 -17.82 -3.66
C LEU B 24 17.41 -18.56 -2.69
N GLU B 25 17.32 -18.08 -1.48
CA GLU B 25 16.39 -18.72 -0.57
C GLU B 25 14.95 -18.53 -1.07
N SER B 26 14.56 -17.30 -1.38
CA SER B 26 13.28 -17.00 -2.08
C SER B 26 13.03 -17.85 -3.35
N LEU B 27 13.97 -17.85 -4.28
CA LEU B 27 13.87 -18.76 -5.41
C LEU B 27 13.64 -20.21 -5.00
N ARG B 28 14.38 -20.72 -4.03
CA ARG B 28 14.19 -22.13 -3.76
C ARG B 28 12.87 -22.43 -3.03
N ALA B 29 12.37 -21.46 -2.28
CA ALA B 29 11.15 -21.69 -1.53
C ALA B 29 9.95 -21.69 -2.45
N ALA B 30 10.19 -21.43 -3.73
CA ALA B 30 9.08 -21.28 -4.64
C ALA B 30 9.19 -22.35 -5.71
N GLY B 31 10.15 -23.26 -5.53
CA GLY B 31 10.27 -24.43 -6.39
C GLY B 31 11.40 -24.35 -7.40
N TYR B 32 11.81 -23.14 -7.72
CA TYR B 32 12.81 -22.96 -8.75
C TYR B 32 14.20 -23.31 -8.19
N THR B 33 14.74 -24.48 -8.54
CA THR B 33 16.03 -24.90 -7.95
C THR B 33 17.13 -24.84 -8.96
N ASN B 34 16.75 -24.72 -10.22
CA ASN B 34 17.72 -24.72 -11.29
C ASN B 34 18.34 -23.34 -11.46
N ILE B 35 19.49 -23.16 -10.80
CA ILE B 35 20.11 -21.85 -10.60
C ILE B 35 21.60 -21.89 -10.83
N GLU B 36 22.08 -21.06 -11.74
CA GLU B 36 23.52 -20.88 -11.93
C GLU B 36 23.88 -19.56 -11.25
N PHE B 37 24.63 -19.66 -10.15
CA PHE B 37 25.08 -18.47 -9.39
C PHE B 37 26.53 -18.14 -9.58
N HIS B 38 26.83 -16.86 -9.74
CA HIS B 38 28.18 -16.35 -9.82
C HIS B 38 28.43 -15.19 -8.87
N LYS B 39 29.54 -15.28 -8.14
CA LYS B 39 30.00 -14.22 -7.27
C LYS B 39 30.30 -12.93 -8.01
N GLY B 40 30.71 -13.00 -9.27
CA GLY B 40 31.04 -11.80 -10.02
C GLY B 40 30.52 -11.71 -11.45
N ALA B 41 31.04 -10.76 -12.22
CA ALA B 41 30.63 -10.64 -13.62
C ALA B 41 31.30 -11.68 -14.50
N LEU B 42 30.83 -11.82 -15.74
CA LEU B 42 31.50 -12.72 -16.69
C LEU B 42 31.88 -12.03 -17.99
N ASP B 43 32.92 -12.55 -18.64
CA ASP B 43 33.30 -12.07 -19.95
C ASP B 43 32.24 -12.40 -21.00
N ASP B 44 32.34 -11.71 -22.13
CA ASP B 44 31.41 -11.87 -23.22
C ASP B 44 31.04 -13.29 -23.65
N GLU B 45 31.98 -14.23 -23.53
CA GLU B 45 31.72 -15.51 -24.15
C GLU B 45 31.03 -16.45 -23.18
N GLN B 46 31.42 -16.37 -21.92
CA GLN B 46 30.84 -17.24 -20.88
C GLN B 46 29.52 -16.67 -20.38
N LEU B 47 29.32 -15.38 -20.54
CA LEU B 47 28.02 -14.83 -20.28
C LEU B 47 27.09 -15.42 -21.33
N LYS B 48 27.53 -15.26 -22.57
CA LYS B 48 26.77 -15.66 -23.73
C LYS B 48 26.52 -17.14 -23.66
N GLU B 49 27.43 -17.87 -23.02
CA GLU B 49 27.25 -19.31 -22.89
C GLU B 49 26.28 -19.67 -21.80
N SER B 50 26.29 -18.92 -20.70
CA SER B 50 25.40 -19.22 -19.57
C SER B 50 23.93 -18.81 -19.82
N ILE B 51 23.74 -17.87 -20.74
CA ILE B 51 22.45 -17.27 -20.99
C ILE B 51 21.73 -17.88 -22.22
N ARG B 52 22.44 -18.68 -22.99
CA ARG B 52 21.83 -19.31 -24.17
C ARG B 52 20.54 -20.06 -23.81
N ASP B 53 20.54 -20.73 -22.65
CA ASP B 53 19.38 -21.49 -22.25
C ASP B 53 18.81 -21.03 -20.90
N ALA B 54 18.78 -19.72 -20.70
CA ALA B 54 18.31 -19.19 -19.41
C ALA B 54 16.97 -18.51 -19.50
N HIS B 55 16.07 -18.98 -18.66
CA HIS B 55 14.74 -18.41 -18.59
C HIS B 55 14.75 -17.04 -17.90
N PHE B 56 15.62 -16.84 -16.91
CA PHE B 56 15.66 -15.57 -16.20
C PHE B 56 17.07 -15.20 -15.89
N ILE B 57 17.33 -13.90 -15.82
CA ILE B 57 18.64 -13.51 -15.43
C ILE B 57 18.55 -12.48 -14.33
N GLY B 58 19.49 -12.56 -13.38
CA GLY B 58 19.70 -11.55 -12.33
C GLY B 58 21.11 -10.97 -12.37
N LEU B 59 21.19 -9.64 -12.45
CA LEU B 59 22.48 -9.00 -12.57
C LEU B 59 22.60 -7.73 -11.74
N ARG B 60 23.79 -7.13 -11.74
CA ARG B 60 23.99 -5.91 -11.01
C ARG B 60 24.38 -4.81 -11.94
N SER B 61 25.37 -4.03 -11.60
CA SER B 61 25.66 -2.90 -12.47
C SER B 61 26.77 -3.15 -13.50
N ARG B 62 27.56 -4.20 -13.29
CA ARG B 62 28.71 -4.40 -14.14
C ARG B 62 28.40 -5.27 -15.37
N THR B 63 27.16 -5.70 -15.51
CA THR B 63 26.84 -6.63 -16.61
C THR B 63 25.98 -5.92 -17.60
N HIS B 64 26.33 -6.02 -18.88
CA HIS B 64 25.68 -5.19 -19.88
C HIS B 64 24.94 -6.04 -20.86
N LEU B 65 23.62 -6.10 -20.72
CA LEU B 65 22.82 -6.85 -21.64
C LEU B 65 22.48 -5.93 -22.80
N THR B 66 23.12 -6.18 -23.93
CA THR B 66 22.97 -5.33 -25.10
C THR B 66 21.97 -5.98 -26.04
N GLU B 67 21.44 -5.23 -27.02
CA GLU B 67 20.62 -5.83 -28.09
C GLU B 67 21.14 -7.21 -28.51
N ASP B 68 22.38 -7.29 -28.96
CA ASP B 68 22.94 -8.56 -29.42
C ASP B 68 22.91 -9.65 -28.36
N VAL B 69 23.23 -9.29 -27.12
CA VAL B 69 23.23 -10.25 -26.01
C VAL B 69 21.84 -10.81 -25.79
N ILE B 70 20.91 -9.91 -25.50
CA ILE B 70 19.51 -10.29 -25.27
C ILE B 70 18.98 -11.13 -26.43
N ASN B 71 19.30 -10.75 -27.67
CA ASN B 71 18.77 -11.43 -28.86
C ASN B 71 19.33 -12.80 -29.07
N ALA B 72 20.32 -13.18 -28.29
CA ALA B 72 20.85 -14.53 -28.44
C ALA B 72 20.59 -15.35 -27.20
N ALA B 73 19.97 -14.68 -26.23
CA ALA B 73 19.37 -15.38 -25.12
C ALA B 73 18.09 -15.96 -25.69
N GLU B 74 18.18 -17.22 -26.13
CA GLU B 74 17.09 -17.89 -26.84
C GLU B 74 15.81 -18.00 -25.98
N LYS B 75 15.95 -18.37 -24.72
CA LYS B 75 14.79 -18.69 -23.89
C LYS B 75 14.48 -17.67 -22.78
N LEU B 76 14.96 -16.44 -22.94
CA LEU B 76 14.90 -15.47 -21.89
C LEU B 76 13.47 -15.01 -21.66
N VAL B 77 12.98 -15.10 -20.41
CA VAL B 77 11.61 -14.72 -20.08
C VAL B 77 11.54 -13.40 -19.35
N ALA B 78 12.36 -13.22 -18.31
CA ALA B 78 12.53 -11.87 -17.75
C ALA B 78 13.90 -11.54 -17.19
N ILE B 79 14.06 -10.25 -16.88
CA ILE B 79 15.33 -9.70 -16.45
C ILE B 79 15.15 -8.92 -15.16
N GLY B 80 15.89 -9.31 -14.13
CA GLY B 80 15.87 -8.56 -12.87
C GLY B 80 17.18 -7.85 -12.60
N ALA B 81 17.15 -6.52 -12.60
CA ALA B 81 18.26 -5.73 -12.13
C ALA B 81 18.27 -5.67 -10.56
N PHE B 82 19.10 -6.52 -9.93
CA PHE B 82 19.20 -6.48 -8.48
C PHE B 82 19.92 -5.23 -8.03
N ALA B 83 19.26 -4.09 -8.18
CA ALA B 83 19.95 -2.81 -8.22
C ALA B 83 18.97 -1.70 -8.53
N ILE B 84 19.19 -0.54 -7.96
CA ILE B 84 18.37 0.60 -8.33
C ILE B 84 18.32 0.93 -9.84
N GLY B 85 19.46 0.90 -10.53
CA GLY B 85 19.47 1.40 -11.91
C GLY B 85 19.43 0.38 -13.03
N THR B 86 18.96 0.81 -14.21
CA THR B 86 18.86 -0.14 -15.32
C THR B 86 19.55 0.29 -16.62
N ASN B 87 20.54 1.19 -16.51
CA ASN B 87 21.29 1.66 -17.68
C ASN B 87 22.18 0.60 -18.29
N GLN B 88 22.50 -0.42 -17.50
CA GLN B 88 23.25 -1.56 -18.01
C GLN B 88 22.44 -2.39 -19.00
N VAL B 89 21.12 -2.31 -18.91
CA VAL B 89 20.21 -3.15 -19.74
C VAL B 89 19.50 -2.39 -20.87
N ASP B 90 19.43 -3.02 -22.03
CA ASP B 90 18.67 -2.44 -23.16
C ASP B 90 17.20 -2.70 -23.02
N LEU B 91 16.49 -1.82 -22.31
CA LEU B 91 15.04 -1.92 -22.10
C LEU B 91 14.26 -2.15 -23.39
N ASP B 92 14.48 -1.29 -24.39
CA ASP B 92 13.72 -1.34 -25.63
C ASP B 92 13.97 -2.70 -26.17
N ALA B 93 15.23 -3.05 -26.29
CA ALA B 93 15.55 -4.28 -26.95
C ALA B 93 14.84 -5.47 -26.30
N ALA B 94 14.72 -5.46 -24.97
CA ALA B 94 13.99 -6.49 -24.23
C ALA B 94 12.46 -6.47 -24.45
N ALA B 95 11.87 -5.28 -24.41
CA ALA B 95 10.44 -5.11 -24.64
C ALA B 95 9.99 -5.59 -26.01
N LYS B 96 10.85 -5.46 -27.02
CA LYS B 96 10.53 -6.00 -28.33
C LYS B 96 10.56 -7.53 -28.31
N ARG B 97 11.34 -8.14 -27.43
CA ARG B 97 11.32 -9.57 -27.42
C ARG B 97 10.30 -9.99 -26.35
N GLY B 98 9.51 -9.03 -25.88
CA GLY B 98 8.50 -9.31 -24.83
C GLY B 98 9.09 -9.78 -23.50
N ILE B 99 10.15 -9.10 -23.06
CA ILE B 99 10.86 -9.42 -21.84
C ILE B 99 10.76 -8.24 -20.90
N PRO B 100 10.08 -8.43 -19.78
CA PRO B 100 9.98 -7.37 -18.83
C PRO B 100 11.25 -7.25 -18.02
N VAL B 101 11.68 -6.01 -17.75
CA VAL B 101 12.79 -5.81 -16.84
C VAL B 101 12.33 -5.18 -15.52
N PHE B 102 12.65 -5.88 -14.42
CA PHE B 102 12.40 -5.37 -13.06
C PHE B 102 13.67 -4.89 -12.33
N ASN B 103 13.49 -4.10 -11.26
CA ASN B 103 14.62 -3.58 -10.47
C ASN B 103 14.10 -3.29 -9.04
N ALA B 104 14.86 -2.52 -8.25
CA ALA B 104 14.50 -2.24 -6.84
C ALA B 104 14.58 -0.77 -6.51
N PRO B 105 13.56 -0.02 -6.91
CA PRO B 105 13.52 1.45 -6.94
C PRO B 105 14.10 2.17 -5.76
N PHE B 106 13.63 1.89 -4.57
CA PHE B 106 14.10 2.75 -3.49
C PHE B 106 14.59 1.90 -2.34
N SER B 107 15.58 1.08 -2.64
CA SER B 107 15.87 -0.06 -1.81
C SER B 107 17.00 0.22 -0.82
N ASN B 108 17.56 1.42 -0.93
CA ASN B 108 18.52 1.83 0.05
C ASN B 108 18.40 3.29 0.45
N THR B 109 17.20 3.74 0.78
CA THR B 109 17.07 5.06 1.38
C THR B 109 17.78 5.09 2.75
N ARG B 110 17.56 4.08 3.57
CA ARG B 110 18.18 4.04 4.90
C ARG B 110 19.74 3.95 4.89
N SER B 111 20.31 3.14 4.02
CA SER B 111 21.73 3.09 4.05
C SER B 111 22.26 4.48 3.80
N VAL B 112 21.77 5.14 2.78
CA VAL B 112 22.35 6.45 2.57
C VAL B 112 22.07 7.40 3.75
N ALA B 113 20.84 7.43 4.28
CA ALA B 113 20.61 8.37 5.37
C ALA B 113 21.61 8.15 6.49
N GLU B 114 21.76 6.89 6.90
CA GLU B 114 22.65 6.58 7.97
C GLU B 114 24.12 6.95 7.65
N LEU B 115 24.58 6.62 6.46
CA LEU B 115 25.91 7.09 6.17
C LEU B 115 26.02 8.64 6.36
N VAL B 116 25.11 9.43 5.75
CA VAL B 116 25.19 10.86 5.93
C VAL B 116 25.26 11.26 7.40
N ILE B 117 24.47 10.61 8.25
CA ILE B 117 24.51 10.99 9.68
C ILE B 117 25.88 10.74 10.31
N GLY B 118 26.53 9.64 9.98
CA GLY B 118 27.84 9.36 10.56
C GLY B 118 28.96 10.27 10.08
N GLU B 119 28.93 10.56 8.79
CA GLU B 119 29.83 11.55 8.22
C GLU B 119 29.64 12.92 8.89
N LEU B 120 28.42 13.44 8.96
CA LEU B 120 28.35 14.75 9.56
C LEU B 120 28.71 14.80 11.04
N LEU B 121 28.44 13.75 11.81
CA LEU B 121 28.93 13.70 13.18
C LEU B 121 30.46 13.83 13.18
N LEU B 122 31.16 13.03 12.41
CA LEU B 122 32.60 13.12 12.45
C LEU B 122 33.20 14.32 11.75
N LEU B 123 32.55 14.80 10.70
CA LEU B 123 33.08 15.98 10.02
C LEU B 123 32.92 17.19 10.90
N LEU B 124 31.75 17.32 11.48
CA LEU B 124 31.55 18.37 12.46
C LEU B 124 32.63 18.31 13.57
N ARG B 125 33.14 17.14 13.89
CA ARG B 125 34.13 17.11 14.95
C ARG B 125 35.57 17.26 14.49
N GLY B 126 35.79 17.47 13.20
CA GLY B 126 37.16 17.49 12.70
C GLY B 126 37.82 16.12 12.86
N VAL B 127 37.00 15.07 13.06
CA VAL B 127 37.59 13.77 13.40
C VAL B 127 38.38 13.17 12.30
N PRO B 128 37.89 13.26 11.03
CA PRO B 128 38.64 12.68 9.87
C PRO B 128 40.10 13.14 9.77
N GLU B 129 40.34 14.41 10.03
CA GLU B 129 41.67 14.97 10.02
C GLU B 129 42.47 14.38 11.15
N ALA B 130 41.99 14.51 12.37
CA ALA B 130 42.75 14.00 13.49
C ALA B 130 43.11 12.53 13.30
N ASN B 131 42.20 11.74 12.79
CA ASN B 131 42.54 10.40 12.45
C ASN B 131 43.64 10.24 11.36
N ALA B 132 43.61 11.03 10.29
CA ALA B 132 44.71 10.98 9.30
C ALA B 132 46.00 11.29 10.01
N LYS B 133 45.99 12.38 10.75
CA LYS B 133 47.21 12.84 11.35
C LYS B 133 47.74 11.83 12.31
N ALA B 134 46.87 11.25 13.12
CA ALA B 134 47.33 10.21 14.06
C ALA B 134 47.99 8.98 13.35
N HIS B 135 47.56 8.62 12.14
CA HIS B 135 48.22 7.50 11.49
C HIS B 135 49.62 7.89 10.98
N ARG B 136 49.99 9.14 11.19
CA ARG B 136 51.28 9.65 10.71
C ARG B 136 52.12 10.09 11.89
N GLY B 137 51.67 9.84 13.11
CA GLY B 137 52.54 10.10 14.23
C GLY B 137 52.26 11.44 14.86
N VAL B 138 51.37 12.20 14.23
CA VAL B 138 51.06 13.57 14.66
C VAL B 138 49.82 13.60 15.53
N TRP B 139 49.94 14.25 16.68
CA TRP B 139 48.85 14.36 17.65
C TRP B 139 48.14 15.74 17.54
N ASN B 140 46.83 15.77 17.33
CA ASN B 140 46.17 17.07 17.22
C ASN B 140 44.92 17.33 18.07
N LYS B 141 45.11 17.81 19.30
CA LYS B 141 44.03 17.91 20.30
C LYS B 141 43.48 19.31 20.42
N LEU B 142 42.35 19.57 19.76
CA LEU B 142 41.76 20.91 19.64
C LEU B 142 40.31 20.85 20.10
N ALA B 143 39.73 21.99 20.41
CA ALA B 143 38.28 22.02 20.59
C ALA B 143 37.72 23.12 19.72
N ALA B 144 38.64 23.85 19.08
CA ALA B 144 38.43 25.24 18.60
C ALA B 144 37.41 25.40 17.48
N GLY B 145 37.37 24.42 16.58
CA GLY B 145 36.38 24.47 15.55
C GLY B 145 35.51 23.24 15.68
N SER B 146 35.45 22.61 16.84
CA SER B 146 34.64 21.38 16.97
C SER B 146 33.27 21.59 17.56
N PHE B 147 32.28 20.92 17.01
CA PHE B 147 30.94 21.17 17.47
C PHE B 147 30.16 19.88 17.60
N GLU B 148 29.13 19.91 18.44
CA GLU B 148 28.21 18.80 18.59
C GLU B 148 27.17 18.99 17.51
N ALA B 149 26.44 17.92 17.21
CA ALA B 149 25.42 17.97 16.18
C ALA B 149 24.16 18.63 16.75
N ARG B 150 23.82 18.30 18.00
CA ARG B 150 22.66 18.88 18.63
C ARG B 150 22.72 20.41 18.52
N GLY B 151 21.62 21.03 18.12
CA GLY B 151 21.54 22.47 18.08
C GLY B 151 21.95 23.09 16.75
N LYS B 152 22.41 22.26 15.84
CA LYS B 152 22.90 22.77 14.57
C LYS B 152 21.83 22.64 13.49
N LYS B 153 21.97 23.44 12.43
CA LYS B 153 21.06 23.36 11.29
C LYS B 153 21.55 22.43 10.16
N LEU B 154 20.75 21.44 9.82
CA LEU B 154 21.04 20.63 8.63
C LEU B 154 20.25 21.11 7.43
N GLY B 155 20.97 21.50 6.39
CA GLY B 155 20.33 21.86 5.13
C GLY B 155 20.25 20.70 4.16
N ILE B 156 19.05 20.19 3.94
CA ILE B 156 18.87 19.08 3.00
C ILE B 156 18.48 19.62 1.61
N ILE B 157 19.30 19.42 0.59
CA ILE B 157 18.84 19.75 -0.77
C ILE B 157 18.26 18.53 -1.49
N GLY B 158 16.93 18.53 -1.67
CA GLY B 158 16.21 17.40 -2.24
C GLY B 158 15.55 16.58 -1.15
N TYR B 159 14.30 16.90 -0.81
CA TYR B 159 13.55 16.28 0.28
C TYR B 159 12.67 15.12 -0.27
N GLY B 160 13.33 14.10 -0.77
CA GLY B 160 12.63 12.97 -1.40
C GLY B 160 12.65 11.79 -0.47
N HIS B 161 12.81 10.59 -1.04
CA HIS B 161 12.86 9.38 -0.23
C HIS B 161 13.99 9.46 0.78
N ILE B 162 15.19 9.75 0.28
CA ILE B 162 16.37 9.80 1.12
C ILE B 162 16.46 11.08 1.93
N GLY B 163 16.19 12.23 1.31
CA GLY B 163 16.23 13.52 2.06
C GLY B 163 15.32 13.50 3.29
N THR B 164 14.12 12.99 3.08
CA THR B 164 13.13 12.86 4.10
C THR B 164 13.66 12.00 5.23
N GLN B 165 14.18 10.83 4.87
CA GLN B 165 14.52 9.84 5.89
C GLN B 165 15.74 10.32 6.70
N LEU B 166 16.69 10.95 6.03
CA LEU B 166 17.74 11.70 6.71
C LEU B 166 17.18 12.75 7.68
N GLY B 167 16.09 13.42 7.32
CA GLY B 167 15.63 14.55 8.16
C GLY B 167 15.17 14.05 9.52
N ILE B 168 14.52 12.89 9.53
CA ILE B 168 14.02 12.29 10.73
C ILE B 168 15.16 11.88 11.66
N LEU B 169 16.21 11.25 11.10
CA LEU B 169 17.38 10.83 11.89
C LEU B 169 18.03 12.02 12.50
N ALA B 170 18.30 13.03 11.66
CA ALA B 170 18.91 14.28 12.12
C ALA B 170 18.10 14.90 13.24
N GLU B 171 16.78 14.78 13.14
CA GLU B 171 15.92 15.46 14.10
C GLU B 171 16.02 14.69 15.37
N SER B 172 15.90 13.37 15.28
CA SER B 172 15.96 12.55 16.48
C SER B 172 17.33 12.59 17.15
N LEU B 173 18.17 13.53 16.72
CA LEU B 173 19.55 13.75 17.14
C LEU B 173 19.69 15.22 17.55
N GLY B 174 18.61 15.97 17.40
CA GLY B 174 18.57 17.33 17.90
C GLY B 174 19.10 18.35 16.93
N MET B 175 19.10 18.04 15.65
CA MET B 175 19.46 19.10 14.75
C MET B 175 18.19 19.77 14.28
N TYR B 176 18.31 21.00 13.79
CA TYR B 176 17.18 21.67 13.21
C TYR B 176 17.20 21.36 11.73
N VAL B 177 16.09 20.95 11.15
CA VAL B 177 16.11 20.46 9.77
C VAL B 177 15.43 21.42 8.80
N TYR B 178 16.20 21.93 7.85
CA TYR B 178 15.66 22.75 6.77
C TYR B 178 15.93 22.12 5.43
N PHE B 179 14.93 22.19 4.54
CA PHE B 179 15.11 21.71 3.20
C PHE B 179 14.69 22.65 2.05
N TYR B 180 15.40 22.53 0.92
CA TYR B 180 15.10 23.24 -0.32
C TYR B 180 14.78 22.27 -1.43
N ASP B 181 13.57 22.36 -1.98
CA ASP B 181 13.15 21.42 -3.03
C ASP B 181 12.34 22.18 -4.10
N ILE B 182 12.46 21.73 -5.35
CA ILE B 182 11.79 22.38 -6.48
C ILE B 182 10.27 22.14 -6.51
N GLU B 183 9.80 21.23 -5.67
CA GLU B 183 8.38 20.92 -5.53
C GLU B 183 7.93 21.12 -4.07
N ASN B 184 6.84 21.85 -3.89
CA ASN B 184 6.23 22.01 -2.57
C ASN B 184 5.96 20.63 -1.94
N LYS B 185 6.58 20.38 -0.79
CA LYS B 185 6.45 19.08 -0.09
C LYS B 185 5.87 19.27 1.31
N LEU B 186 5.17 18.27 1.85
CA LEU B 186 4.72 18.37 3.23
C LEU B 186 5.81 17.83 4.19
N PRO B 187 6.36 18.70 5.04
CA PRO B 187 7.42 18.36 5.98
C PRO B 187 7.03 17.25 6.95
N LEU B 188 7.94 16.34 7.24
CA LEU B 188 7.74 15.42 8.34
C LEU B 188 8.41 15.98 9.59
N GLY B 189 7.93 15.54 10.76
CA GLY B 189 8.40 16.12 12.03
C GLY B 189 8.42 17.66 12.03
N ASN B 190 9.52 18.24 12.51
CA ASN B 190 9.62 19.68 12.59
C ASN B 190 10.41 20.27 11.44
N ALA B 191 10.54 19.52 10.35
CA ALA B 191 11.27 20.00 9.20
C ALA B 191 10.59 21.23 8.58
N THR B 192 11.40 22.09 7.97
CA THR B 192 10.95 23.35 7.39
C THR B 192 11.46 23.59 5.97
N GLN B 193 10.53 23.69 5.03
CA GLN B 193 10.91 24.01 3.66
C GLN B 193 11.29 25.48 3.47
N VAL B 194 12.42 25.70 2.83
CA VAL B 194 12.96 27.01 2.56
C VAL B 194 12.79 27.34 1.08
N GLN B 195 12.27 28.54 0.79
CA GLN B 195 11.92 28.85 -0.60
C GLN B 195 13.14 29.08 -1.44
N HIS B 196 14.10 29.86 -0.93
CA HIS B 196 15.32 30.27 -1.66
C HIS B 196 16.56 29.50 -1.32
N LEU B 197 17.05 28.74 -2.30
CA LEU B 197 18.26 27.96 -2.14
C LEU B 197 19.35 28.79 -1.50
N SER B 198 19.42 30.08 -1.83
CA SER B 198 20.48 30.87 -1.23
C SER B 198 20.33 30.97 0.32
N ASP B 199 19.10 31.00 0.81
CA ASP B 199 18.90 31.18 2.24
C ASP B 199 19.41 29.93 2.95
N LEU B 200 18.89 28.78 2.52
CA LEU B 200 19.33 27.50 3.05
C LEU B 200 20.86 27.44 3.12
N LEU B 201 21.54 27.68 2.01
CA LEU B 201 22.99 27.68 2.08
C LEU B 201 23.55 28.58 3.18
N ASN B 202 23.09 29.83 3.29
CA ASN B 202 23.77 30.78 4.17
C ASN B 202 23.64 30.40 5.62
N MET B 203 22.52 29.75 5.90
CA MET B 203 22.09 29.39 7.23
C MET B 203 22.65 28.04 7.70
N SER B 204 22.53 27.02 6.87
CA SER B 204 22.88 25.66 7.21
C SER B 204 24.33 25.47 7.60
N ASP B 205 24.54 24.51 8.49
CA ASP B 205 25.85 24.23 9.07
C ASP B 205 26.36 23.01 8.32
N VAL B 206 25.41 22.24 7.82
CA VAL B 206 25.74 21.11 7.04
C VAL B 206 24.74 21.08 5.91
N VAL B 207 25.23 20.95 4.66
CA VAL B 207 24.34 20.78 3.52
C VAL B 207 24.62 19.44 2.86
N SER B 208 23.58 18.64 2.67
CA SER B 208 23.73 17.33 2.11
C SER B 208 22.83 17.23 0.89
N LEU B 209 23.41 16.88 -0.25
CA LEU B 209 22.71 16.83 -1.54
C LEU B 209 21.96 15.52 -1.77
N HIS B 210 20.71 15.62 -2.16
CA HIS B 210 19.96 14.42 -2.49
C HIS B 210 19.08 14.52 -3.76
N VAL B 211 19.72 14.93 -4.86
CA VAL B 211 19.01 15.30 -6.05
C VAL B 211 19.24 14.22 -7.06
N PRO B 212 18.36 14.11 -8.10
CA PRO B 212 18.55 13.17 -9.22
C PRO B 212 19.53 13.68 -10.24
N GLU B 213 19.95 12.81 -11.16
CA GLU B 213 20.87 13.21 -12.20
C GLU B 213 20.12 13.68 -13.41
N ASN B 214 20.28 14.94 -13.76
CA ASN B 214 19.52 15.53 -14.87
C ASN B 214 19.93 16.98 -15.16
N PRO B 215 19.69 17.45 -16.39
CA PRO B 215 20.07 18.80 -16.81
C PRO B 215 20.04 19.88 -15.70
N SER B 216 19.06 19.82 -14.81
CA SER B 216 18.91 20.84 -13.78
C SER B 216 19.82 20.68 -12.54
N THR B 217 20.54 19.54 -12.43
CA THR B 217 21.41 19.31 -11.27
C THR B 217 22.88 19.41 -11.64
N LYS B 218 23.19 19.29 -12.92
CA LYS B 218 24.58 19.37 -13.34
C LYS B 218 25.22 20.61 -12.77
N ASN B 219 26.32 20.42 -12.07
CA ASN B 219 27.03 21.53 -11.46
C ASN B 219 26.15 22.46 -10.62
N MET B 220 25.04 21.92 -10.17
CA MET B 220 24.20 22.59 -9.23
C MET B 220 24.98 23.29 -8.13
N MET B 221 26.10 22.74 -7.68
CA MET B 221 26.88 23.41 -6.64
C MET B 221 28.22 23.81 -7.15
N GLY B 222 28.26 24.96 -7.83
CA GLY B 222 29.52 25.47 -8.34
C GLY B 222 30.04 26.51 -7.38
N ALA B 223 31.03 27.29 -7.82
CA ALA B 223 31.67 28.24 -6.92
C ALA B 223 30.69 29.25 -6.26
N LYS B 224 29.68 29.70 -7.00
CA LYS B 224 28.72 30.69 -6.47
C LYS B 224 28.08 30.12 -5.24
N GLU B 225 27.37 29.01 -5.47
CA GLU B 225 26.63 28.29 -4.45
C GLU B 225 27.53 27.90 -3.28
N ILE B 226 28.72 27.36 -3.54
CA ILE B 226 29.61 27.08 -2.42
C ILE B 226 29.94 28.29 -1.55
N SER B 227 30.25 29.42 -2.16
CA SER B 227 30.56 30.63 -1.38
C SER B 227 29.33 31.09 -0.59
N LEU B 228 28.12 30.84 -1.09
CA LEU B 228 26.95 31.14 -0.29
C LEU B 228 26.87 30.26 0.97
N MET B 229 27.73 29.26 1.06
CA MET B 229 27.70 28.40 2.25
C MET B 229 28.31 29.04 3.50
N LYS B 230 27.89 28.59 4.67
CA LYS B 230 28.38 29.22 5.89
C LYS B 230 29.92 29.03 6.03
N PRO B 231 30.64 30.13 6.20
CA PRO B 231 32.05 29.92 6.45
C PRO B 231 32.30 28.95 7.62
N GLY B 232 33.04 27.86 7.40
CA GLY B 232 33.25 26.82 8.42
C GLY B 232 32.21 25.70 8.36
N SER B 233 31.22 25.85 7.49
CA SER B 233 30.22 24.79 7.33
C SER B 233 30.77 23.53 6.60
N LEU B 234 29.85 22.62 6.24
CA LEU B 234 30.28 21.37 5.64
C LEU B 234 29.36 20.90 4.53
N LEU B 235 29.91 20.33 3.48
CA LEU B 235 29.08 19.89 2.35
C LEU B 235 29.20 18.39 2.03
N ILE B 236 28.06 17.70 2.03
CA ILE B 236 28.11 16.27 1.88
C ILE B 236 27.36 15.93 0.63
N ASN B 237 27.94 15.04 -0.18
CA ASN B 237 27.25 14.58 -1.36
C ASN B 237 27.25 13.07 -1.65
N ALA B 238 26.10 12.45 -1.44
CA ALA B 238 25.97 11.06 -1.78
C ALA B 238 24.75 10.88 -2.68
N SER B 239 24.53 11.84 -3.58
CA SER B 239 23.54 11.61 -4.65
C SER B 239 24.19 11.21 -5.97
N ARG B 240 24.76 12.16 -6.71
CA ARG B 240 25.22 11.89 -8.08
C ARG B 240 26.50 12.59 -8.45
N GLY B 241 27.37 11.88 -9.16
CA GLY B 241 28.73 12.36 -9.40
C GLY B 241 28.75 13.75 -9.97
N THR B 242 27.65 14.11 -10.63
CA THR B 242 27.61 15.23 -11.56
C THR B 242 27.20 16.53 -10.87
N VAL B 243 26.92 16.46 -9.58
CA VAL B 243 26.28 17.59 -8.94
C VAL B 243 27.21 18.69 -8.42
N VAL B 244 28.50 18.44 -8.35
CA VAL B 244 29.36 19.39 -7.65
C VAL B 244 30.63 19.80 -8.42
N ASP B 245 30.85 21.11 -8.61
CA ASP B 245 32.12 21.52 -9.21
C ASP B 245 33.27 21.10 -8.28
N ILE B 246 33.88 19.96 -8.58
CA ILE B 246 34.85 19.47 -7.66
C ILE B 246 36.05 20.41 -7.44
N PRO B 247 36.60 21.01 -8.52
CA PRO B 247 37.60 22.09 -8.30
C PRO B 247 37.07 23.29 -7.52
N ALA B 248 35.83 23.73 -7.79
CA ALA B 248 35.27 24.77 -6.90
C ALA B 248 35.53 24.31 -5.47
N LEU B 249 35.00 23.11 -5.16
CA LEU B 249 35.08 22.51 -3.85
C LEU B 249 36.49 22.38 -3.28
N ALA B 250 37.45 21.97 -4.11
CA ALA B 250 38.84 21.97 -3.63
C ALA B 250 39.36 23.37 -3.24
N ASP B 251 38.99 24.38 -4.02
CA ASP B 251 39.33 25.79 -3.70
C ASP B 251 38.75 26.22 -2.38
N ALA B 252 37.44 26.02 -2.25
CA ALA B 252 36.72 26.40 -1.04
C ALA B 252 37.30 25.70 0.17
N LEU B 253 37.86 24.50 -0.03
CA LEU B 253 38.50 23.79 1.07
C LEU B 253 39.87 24.35 1.31
N ALA B 254 40.69 24.46 0.26
CA ALA B 254 41.99 25.09 0.50
C ALA B 254 41.85 26.51 1.08
N SER B 255 40.73 27.18 0.81
CA SER B 255 40.54 28.55 1.30
C SER B 255 40.00 28.55 2.73
N LYS B 256 39.85 27.37 3.32
CA LYS B 256 39.19 27.27 4.63
C LYS B 256 37.78 27.85 4.65
N HIS B 257 37.18 28.07 3.50
CA HIS B 257 35.82 28.53 3.53
C HIS B 257 34.89 27.36 3.94
N LEU B 258 35.09 26.14 3.41
CA LEU B 258 34.51 24.97 4.14
C LEU B 258 35.43 24.21 5.10
N ALA B 259 34.86 23.70 6.17
CA ALA B 259 35.70 23.01 7.14
C ALA B 259 36.04 21.58 6.69
N GLY B 260 35.23 21.02 5.79
CA GLY B 260 35.41 19.65 5.36
C GLY B 260 34.25 19.28 4.46
N ALA B 261 34.21 18.02 4.04
CA ALA B 261 33.17 17.53 3.17
C ALA B 261 33.21 16.01 3.07
N ALA B 262 32.18 15.44 2.45
CA ALA B 262 32.20 14.01 2.23
C ALA B 262 31.53 13.68 0.90
N ILE B 263 32.27 13.00 0.03
CA ILE B 263 31.86 12.77 -1.32
C ILE B 263 31.83 11.24 -1.48
N ASP B 264 30.68 10.70 -1.87
CA ASP B 264 30.48 9.28 -2.16
C ASP B 264 30.59 8.97 -3.65
N VAL B 265 30.18 9.93 -4.48
CA VAL B 265 30.14 9.78 -5.95
C VAL B 265 30.91 10.89 -6.69
N PHE B 266 31.53 10.52 -7.80
CA PHE B 266 32.31 11.48 -8.57
C PHE B 266 31.95 11.49 -10.07
N PRO B 267 32.29 12.59 -10.77
CA PRO B 267 32.00 12.73 -12.19
C PRO B 267 32.43 11.49 -12.94
N THR B 268 33.66 11.04 -12.70
CA THR B 268 34.18 9.86 -13.36
C THR B 268 34.59 8.87 -12.32
N GLU B 269 33.93 7.73 -12.30
CA GLU B 269 34.28 6.73 -11.31
C GLU B 269 35.13 5.60 -11.85
N PRO B 270 36.07 5.10 -11.06
CA PRO B 270 36.73 3.87 -11.52
C PRO B 270 35.83 2.70 -11.98
N ALA B 271 36.29 2.02 -13.02
CA ALA B 271 35.56 0.88 -13.60
C ALA B 271 35.48 -0.28 -12.64
N THR B 272 36.57 -0.53 -11.92
CA THR B 272 36.71 -1.69 -11.06
C THR B 272 37.64 -1.38 -9.88
N ASN B 273 37.76 -2.30 -8.94
CA ASN B 273 38.63 -2.05 -7.78
C ASN B 273 40.11 -2.06 -8.14
N SER B 274 40.44 -2.37 -9.40
CA SER B 274 41.84 -2.27 -9.87
C SER B 274 42.24 -0.93 -10.53
N ASP B 275 41.29 -0.11 -10.95
CA ASP B 275 41.66 1.10 -11.65
C ASP B 275 41.95 2.25 -10.67
N PRO B 276 42.90 3.14 -11.02
CA PRO B 276 43.29 4.14 -10.02
C PRO B 276 42.16 5.13 -9.73
N PHE B 277 42.12 5.62 -8.49
CA PHE B 277 41.18 6.67 -8.15
C PHE B 277 41.94 7.99 -8.04
N THR B 278 41.53 8.98 -8.81
CA THR B 278 42.23 10.26 -8.82
C THR B 278 41.26 11.36 -8.41
N SER B 279 41.71 12.24 -7.51
CA SER B 279 40.92 13.42 -7.20
C SER B 279 41.72 14.54 -6.61
N PRO B 280 41.31 15.77 -6.93
CA PRO B 280 41.82 16.96 -6.27
C PRO B 280 41.58 16.88 -4.76
N LEU B 281 40.42 16.34 -4.37
CA LEU B 281 40.08 16.22 -2.95
C LEU B 281 40.98 15.24 -2.15
N ALA B 282 41.75 14.36 -2.81
CA ALA B 282 42.56 13.42 -2.05
C ALA B 282 43.67 14.07 -1.23
N GLU B 283 43.96 15.35 -1.46
CA GLU B 283 45.08 15.93 -0.73
C GLU B 283 44.61 16.53 0.60
N PHE B 284 43.30 16.49 0.84
CA PHE B 284 42.76 17.14 2.00
C PHE B 284 42.43 16.13 3.07
N ASP B 285 43.13 16.18 4.20
CA ASP B 285 42.79 15.27 5.29
C ASP B 285 41.34 15.47 5.82
N ASN B 286 40.85 16.69 5.69
CA ASN B 286 39.58 16.95 6.26
C ASN B 286 38.47 16.59 5.29
N VAL B 287 38.73 15.70 4.34
CA VAL B 287 37.63 15.19 3.47
C VAL B 287 37.45 13.66 3.50
N LEU B 288 36.22 13.21 3.68
CA LEU B 288 35.87 11.80 3.57
C LEU B 288 35.61 11.44 2.09
N LEU B 289 36.39 10.51 1.55
CA LEU B 289 36.15 9.99 0.21
C LEU B 289 35.78 8.52 0.31
N THR B 290 34.65 8.19 -0.28
CA THR B 290 34.18 6.85 -0.22
C THR B 290 33.79 6.40 -1.63
N PRO B 291 34.10 5.13 -1.92
CA PRO B 291 34.07 4.63 -3.25
C PRO B 291 32.66 4.26 -3.62
N HIS B 292 31.77 5.22 -3.41
CA HIS B 292 30.36 5.12 -3.86
C HIS B 292 29.68 3.95 -3.17
N ILE B 293 29.53 4.09 -1.83
CA ILE B 293 29.06 3.00 -1.01
C ILE B 293 27.82 3.31 -0.23
N GLY B 294 27.23 4.47 -0.51
CA GLY B 294 26.02 4.83 0.20
C GLY B 294 24.94 3.75 0.17
N GLY B 295 24.93 2.90 -0.84
CA GLY B 295 23.95 1.83 -0.80
C GLY B 295 24.54 0.47 -0.57
N SER B 296 25.84 0.42 -0.29
CA SER B 296 26.53 -0.87 -0.27
C SER B 296 26.52 -1.37 1.14
N THR B 297 25.40 -1.94 1.54
CA THR B 297 25.20 -2.44 2.89
C THR B 297 24.59 -3.83 2.75
N GLN B 298 24.94 -4.78 3.61
CA GLN B 298 24.26 -6.06 3.57
C GLN B 298 22.76 -5.88 3.74
N GLU B 299 22.33 -5.07 4.69
CA GLU B 299 20.90 -4.97 4.88
C GLU B 299 20.24 -4.60 3.56
N ALA B 300 20.81 -3.66 2.81
CA ALA B 300 20.20 -3.23 1.55
C ALA B 300 20.22 -4.34 0.53
N GLN B 301 21.37 -4.99 0.39
CA GLN B 301 21.50 -6.06 -0.59
C GLN B 301 20.46 -7.16 -0.39
N GLU B 302 20.19 -7.41 0.87
CA GLU B 302 19.23 -8.38 1.31
C GLU B 302 17.82 -7.95 0.90
N ASN B 303 17.49 -6.67 1.07
CA ASN B 303 16.12 -6.22 0.71
C ASN B 303 15.93 -6.22 -0.76
N ILE B 304 16.97 -5.78 -1.44
CA ILE B 304 16.93 -5.82 -2.85
C ILE B 304 16.73 -7.25 -3.31
N GLY B 305 17.44 -8.19 -2.67
CA GLY B 305 17.47 -9.57 -3.15
C GLY B 305 16.13 -10.23 -2.96
N LEU B 306 15.52 -9.99 -1.81
CA LEU B 306 14.17 -10.43 -1.55
C LEU B 306 13.22 -9.83 -2.56
N GLU B 307 13.25 -8.51 -2.67
CA GLU B 307 12.33 -7.82 -3.54
C GLU B 307 12.38 -8.24 -4.99
N VAL B 308 13.57 -8.26 -5.57
CA VAL B 308 13.63 -8.53 -7.01
C VAL B 308 13.41 -10.00 -7.35
N ALA B 309 13.93 -10.95 -6.57
CA ALA B 309 13.63 -12.37 -6.88
C ALA B 309 12.15 -12.55 -6.68
N GLY B 310 11.60 -11.83 -5.71
CA GLY B 310 10.15 -11.75 -5.63
C GLY B 310 9.50 -11.30 -6.93
N LYS B 311 9.89 -10.14 -7.49
CA LYS B 311 9.18 -9.69 -8.65
C LYS B 311 9.20 -10.81 -9.75
N LEU B 312 10.33 -11.50 -9.88
CA LEU B 312 10.48 -12.57 -10.89
C LEU B 312 9.64 -13.79 -10.59
N ILE B 313 9.54 -14.20 -9.35
CA ILE B 313 8.71 -15.32 -9.08
C ILE B 313 7.26 -14.95 -9.36
N LYS B 314 6.82 -13.80 -8.87
CA LYS B 314 5.41 -13.40 -9.05
C LYS B 314 5.06 -13.44 -10.56
N TYR B 315 6.02 -13.03 -11.39
CA TYR B 315 5.77 -12.96 -12.81
C TYR B 315 5.99 -14.27 -13.59
N SER B 316 6.88 -15.12 -13.13
CA SER B 316 6.87 -16.47 -13.67
C SER B 316 5.57 -17.16 -13.31
N ASP B 317 5.06 -16.93 -12.10
CA ASP B 317 3.97 -17.76 -11.57
C ASP B 317 2.63 -17.27 -11.97
N ASN B 318 2.40 -15.96 -11.89
CA ASN B 318 1.10 -15.42 -12.18
C ASN B 318 1.14 -14.30 -13.15
N GLY B 319 2.30 -14.12 -13.75
CA GLY B 319 2.35 -13.16 -14.84
C GLY B 319 2.31 -11.70 -14.45
N SER B 320 2.45 -11.38 -13.16
CA SER B 320 2.42 -9.98 -12.79
C SER B 320 3.54 -9.14 -13.43
N THR B 321 3.25 -7.88 -13.71
CA THR B 321 4.31 -6.99 -14.11
C THR B 321 4.14 -5.63 -13.49
N LEU B 322 3.45 -5.62 -12.35
CA LEU B 322 3.47 -4.46 -11.51
C LEU B 322 4.95 -4.10 -11.30
N SER B 323 5.26 -2.85 -11.64
CA SER B 323 6.57 -2.22 -11.40
C SER B 323 7.64 -2.54 -12.45
N ALA B 324 7.27 -3.23 -13.49
CA ALA B 324 8.24 -3.47 -14.53
C ALA B 324 8.56 -2.13 -15.19
N VAL B 325 9.72 -2.07 -15.84
CA VAL B 325 10.33 -0.79 -16.18
C VAL B 325 10.29 -0.53 -17.68
N ASN B 326 9.95 -1.55 -18.46
CA ASN B 326 9.86 -1.46 -19.91
C ASN B 326 8.56 -2.05 -20.51
N PHE B 327 7.51 -2.14 -19.72
CA PHE B 327 6.46 -3.06 -20.01
C PHE B 327 5.15 -2.56 -19.43
N PRO B 328 4.01 -2.85 -20.09
CA PRO B 328 2.72 -2.48 -19.54
C PRO B 328 2.49 -3.18 -18.22
N GLU B 329 2.00 -2.46 -17.23
CA GLU B 329 1.83 -3.02 -15.88
C GLU B 329 0.47 -3.65 -15.72
N VAL B 330 0.47 -4.95 -15.44
CA VAL B 330 -0.76 -5.66 -15.17
C VAL B 330 -0.61 -6.72 -14.15
N SER B 331 -1.63 -6.82 -13.31
CA SER B 331 -1.69 -7.81 -12.26
C SER B 331 -3.12 -8.32 -12.05
N LEU B 332 -3.27 -9.62 -11.87
CA LEU B 332 -4.58 -10.19 -11.70
C LEU B 332 -4.65 -11.08 -10.46
N PRO B 333 -5.62 -10.82 -9.57
CA PRO B 333 -5.72 -11.65 -8.35
C PRO B 333 -5.96 -13.09 -8.71
N LEU B 334 -5.28 -14.03 -8.06
CA LEU B 334 -5.44 -15.42 -8.46
C LEU B 334 -6.78 -15.86 -7.95
N HIS B 335 -7.68 -16.32 -8.81
CA HIS B 335 -8.89 -17.03 -8.31
C HIS B 335 -9.07 -18.38 -9.02
N VAL B 336 -9.27 -18.36 -10.33
CA VAL B 336 -9.75 -19.60 -10.92
C VAL B 336 -8.85 -20.31 -11.93
N VAL B 337 -7.92 -21.16 -11.47
CA VAL B 337 -7.25 -22.15 -12.34
C VAL B 337 -8.01 -22.25 -13.69
N ARG B 338 -7.48 -21.97 -14.92
CA ARG B 338 -6.12 -21.67 -15.40
C ARG B 338 -5.88 -20.23 -15.81
N ARG B 339 -4.61 -19.93 -16.16
CA ARG B 339 -4.19 -18.56 -16.52
C ARG B 339 -3.17 -18.52 -17.64
N LEU B 340 -3.36 -17.59 -18.57
CA LEU B 340 -2.44 -17.48 -19.71
C LEU B 340 -2.11 -16.02 -19.99
N MET B 341 -1.10 -15.82 -20.80
CA MET B 341 -0.81 -14.45 -21.15
C MET B 341 -0.25 -14.37 -22.55
N HIS B 342 -0.38 -13.18 -23.11
CA HIS B 342 -0.07 -12.96 -24.50
C HIS B 342 0.48 -11.57 -24.65
N ILE B 343 1.54 -11.45 -25.44
CA ILE B 343 2.17 -10.17 -25.68
C ILE B 343 2.19 -9.94 -27.16
N HIS B 344 1.76 -8.77 -27.61
CA HIS B 344 1.55 -8.58 -29.04
C HIS B 344 1.83 -7.17 -29.48
N GLU B 345 1.89 -6.96 -30.78
CA GLU B 345 1.98 -5.60 -31.24
C GLU B 345 0.67 -4.94 -30.86
N ASN B 346 0.71 -3.68 -30.48
CA ASN B 346 -0.50 -3.01 -30.08
C ASN B 346 -1.17 -2.43 -31.28
N ARG B 347 -2.08 -3.21 -31.87
CA ARG B 347 -2.86 -2.79 -33.02
C ARG B 347 -4.25 -3.43 -32.98
N PRO B 348 -5.26 -2.72 -33.52
CA PRO B 348 -6.64 -3.19 -33.41
C PRO B 348 -6.73 -4.62 -33.83
N GLY B 349 -7.64 -5.38 -33.22
CA GLY B 349 -7.96 -6.71 -33.71
C GLY B 349 -7.49 -7.91 -32.93
N VAL B 350 -6.40 -7.72 -32.21
CA VAL B 350 -5.77 -8.86 -31.54
C VAL B 350 -6.68 -9.45 -30.47
N LEU B 351 -7.24 -8.56 -29.66
CA LEU B 351 -7.90 -8.98 -28.44
C LEU B 351 -9.09 -9.85 -28.78
N THR B 352 -9.88 -9.35 -29.74
CA THR B 352 -11.07 -10.04 -30.21
C THR B 352 -10.66 -11.37 -30.75
N ALA B 353 -9.53 -11.38 -31.46
CA ALA B 353 -9.00 -12.63 -32.06
C ALA B 353 -8.69 -13.64 -30.95
N LEU B 354 -8.19 -13.07 -29.87
CA LEU B 354 -7.68 -13.81 -28.76
C LEU B 354 -8.82 -14.41 -27.97
N ASN B 355 -9.83 -13.59 -27.69
CA ASN B 355 -11.05 -14.05 -27.01
C ASN B 355 -11.88 -15.08 -27.78
N LYS B 356 -11.95 -14.90 -29.11
CA LYS B 356 -12.76 -15.71 -29.94
C LYS B 356 -12.22 -17.12 -29.82
N ILE B 357 -10.92 -17.28 -29.66
CA ILE B 357 -10.38 -18.64 -29.50
C ILE B 357 -11.14 -19.37 -28.41
N PHE B 358 -11.77 -18.61 -27.53
CA PHE B 358 -12.39 -19.22 -26.35
C PHE B 358 -13.90 -19.30 -26.49
N ALA B 359 -14.46 -18.21 -26.99
CA ALA B 359 -15.88 -18.19 -27.22
C ALA B 359 -16.32 -19.42 -28.07
N GLU B 360 -15.71 -19.54 -29.26
CA GLU B 360 -16.17 -20.44 -30.30
C GLU B 360 -16.08 -21.91 -29.91
N GLN B 361 -15.66 -22.21 -28.69
CA GLN B 361 -15.55 -23.57 -28.26
C GLN B 361 -16.17 -23.62 -26.92
N GLY B 362 -16.84 -22.51 -26.58
CA GLY B 362 -17.65 -22.44 -25.37
C GLY B 362 -16.88 -22.49 -24.04
N VAL B 363 -15.64 -22.01 -24.04
CA VAL B 363 -14.86 -21.89 -22.79
C VAL B 363 -15.03 -20.52 -22.16
N ASN B 364 -15.34 -20.54 -20.88
CA ASN B 364 -15.71 -19.31 -20.21
C ASN B 364 -14.52 -18.55 -19.69
N ILE B 365 -14.55 -17.25 -19.96
CA ILE B 365 -13.44 -16.44 -19.53
C ILE B 365 -13.74 -15.76 -18.22
N ALA B 366 -13.02 -16.18 -17.19
CA ALA B 366 -13.23 -15.73 -15.84
C ALA B 366 -12.74 -14.32 -15.58
N ALA B 367 -11.50 -13.99 -15.93
CA ALA B 367 -11.02 -12.62 -15.72
C ALA B 367 -10.03 -12.27 -16.77
N GLN B 368 -9.74 -10.97 -16.94
CA GLN B 368 -8.76 -10.58 -17.91
C GLN B 368 -8.35 -9.15 -17.79
N TYR B 369 -7.07 -8.92 -18.05
CA TYR B 369 -6.44 -7.61 -17.86
C TYR B 369 -5.55 -7.30 -19.05
N LEU B 370 -5.78 -6.19 -19.72
CA LEU B 370 -4.92 -5.83 -20.81
C LEU B 370 -4.43 -4.43 -20.54
N GLN B 371 -3.13 -4.21 -20.66
CA GLN B 371 -2.60 -2.89 -20.63
C GLN B 371 -1.70 -2.77 -21.88
N THR B 372 -1.53 -1.54 -22.41
CA THR B 372 -0.71 -1.36 -23.57
C THR B 372 0.22 -0.18 -23.39
N SER B 373 1.35 -0.24 -24.09
CA SER B 373 2.24 0.89 -24.24
C SER B 373 2.09 1.38 -25.69
N ALA B 374 2.67 2.52 -25.99
CA ALA B 374 3.04 2.81 -27.35
C ALA B 374 2.74 1.67 -28.34
N GLN B 375 3.65 0.74 -28.51
CA GLN B 375 3.48 -0.20 -29.60
C GLN B 375 3.48 -1.67 -29.16
N MET B 376 3.10 -1.86 -27.92
CA MET B 376 3.02 -3.18 -27.38
C MET B 376 1.85 -3.22 -26.44
N GLY B 377 1.21 -4.36 -26.46
CA GLY B 377 0.14 -4.60 -25.55
C GLY B 377 0.33 -5.94 -24.82
N TYR B 378 -0.24 -5.96 -23.64
CA TYR B 378 -0.04 -7.10 -22.85
C TYR B 378 -1.28 -7.56 -22.13
N VAL B 379 -1.45 -8.88 -22.08
CA VAL B 379 -2.67 -9.43 -21.53
C VAL B 379 -2.60 -10.83 -20.87
N VAL B 380 -3.26 -10.89 -19.73
CA VAL B 380 -3.30 -12.05 -18.87
C VAL B 380 -4.75 -12.42 -18.86
N ILE B 381 -5.06 -13.72 -19.05
CA ILE B 381 -6.45 -14.22 -19.04
C ILE B 381 -6.65 -15.43 -18.15
N ASP B 382 -7.81 -15.47 -17.50
CA ASP B 382 -8.22 -16.61 -16.69
C ASP B 382 -9.40 -17.26 -17.36
N ILE B 383 -9.36 -18.58 -17.51
CA ILE B 383 -10.45 -19.26 -18.20
C ILE B 383 -10.72 -20.53 -17.47
N GLU B 384 -11.93 -21.06 -17.65
CA GLU B 384 -12.24 -22.30 -16.98
C GLU B 384 -12.14 -23.45 -17.95
N ALA B 385 -11.03 -24.16 -17.89
CA ALA B 385 -10.83 -25.30 -18.77
C ALA B 385 -9.77 -26.24 -18.26
N ASP B 386 -9.93 -27.54 -18.54
CA ASP B 386 -8.93 -28.54 -18.16
C ASP B 386 -7.66 -28.23 -18.94
N GLU B 387 -6.58 -28.92 -18.58
CA GLU B 387 -5.26 -28.64 -19.16
C GLU B 387 -5.09 -28.69 -20.70
N ASP B 388 -5.71 -29.68 -21.33
CA ASP B 388 -5.46 -29.97 -22.75
C ASP B 388 -5.94 -28.84 -23.62
N VAL B 389 -7.08 -28.28 -23.21
CA VAL B 389 -7.80 -27.23 -23.94
C VAL B 389 -6.94 -25.97 -23.88
N ALA B 390 -6.29 -25.79 -22.74
CA ALA B 390 -5.41 -24.67 -22.53
C ALA B 390 -4.18 -24.89 -23.40
N GLU B 391 -3.49 -26.01 -23.22
CA GLU B 391 -2.38 -26.27 -24.09
C GLU B 391 -2.80 -25.88 -25.51
N LYS B 392 -3.88 -26.48 -26.01
CA LYS B 392 -4.23 -26.31 -27.43
C LYS B 392 -4.54 -24.87 -27.76
N ALA B 393 -5.18 -24.18 -26.83
CA ALA B 393 -5.62 -22.87 -27.17
C ALA B 393 -4.36 -22.01 -27.23
N LEU B 394 -3.49 -22.15 -26.25
CA LEU B 394 -2.23 -21.48 -26.35
C LEU B 394 -1.71 -21.54 -27.78
N GLN B 395 -1.54 -22.77 -28.29
CA GLN B 395 -0.99 -22.92 -29.65
C GLN B 395 -1.76 -22.05 -30.60
N ALA B 396 -3.07 -21.97 -30.47
CA ALA B 396 -3.75 -21.03 -31.32
C ALA B 396 -3.32 -19.58 -31.07
N MET B 397 -3.03 -19.24 -29.83
CA MET B 397 -2.78 -17.83 -29.56
C MET B 397 -1.48 -17.41 -30.21
N LYS B 398 -0.54 -18.34 -30.24
CA LYS B 398 0.72 -18.07 -30.90
C LYS B 398 0.48 -17.62 -32.32
N ALA B 399 -0.47 -18.28 -33.00
CA ALA B 399 -0.79 -17.94 -34.38
C ALA B 399 -1.50 -16.60 -34.61
N ILE B 400 -1.94 -15.95 -33.57
CA ILE B 400 -2.68 -14.76 -33.85
C ILE B 400 -1.75 -13.75 -34.46
N PRO B 401 -2.19 -13.08 -35.52
CA PRO B 401 -1.31 -12.10 -36.19
C PRO B 401 -1.07 -10.90 -35.28
N GLY B 402 0.20 -10.55 -35.09
CA GLY B 402 0.56 -9.55 -34.09
C GLY B 402 1.34 -10.16 -32.93
N THR B 403 1.16 -11.47 -32.73
CA THR B 403 1.76 -12.13 -31.59
C THR B 403 3.27 -12.07 -31.55
N ILE B 404 3.78 -11.63 -30.39
CA ILE B 404 5.21 -11.67 -30.05
C ILE B 404 5.60 -12.92 -29.25
N ARG B 405 4.79 -13.25 -28.26
CA ARG B 405 5.15 -14.28 -27.33
C ARG B 405 3.90 -14.56 -26.51
N ALA B 406 3.82 -15.80 -26.05
CA ALA B 406 2.73 -16.19 -25.18
C ALA B 406 3.13 -17.42 -24.40
N ARG B 407 2.40 -17.66 -23.31
CA ARG B 407 2.63 -18.83 -22.54
C ARG B 407 1.52 -19.09 -21.53
N LEU B 408 1.61 -20.29 -20.95
CA LEU B 408 0.62 -20.87 -20.09
C LEU B 408 1.26 -20.93 -18.70
N LEU B 409 0.62 -20.29 -17.71
CA LEU B 409 1.21 -20.14 -16.39
C LEU B 409 0.83 -21.29 -15.49
N TYR B 410 -0.45 -21.56 -15.41
CA TYR B 410 -0.89 -22.75 -14.69
C TYR B 410 -2.18 -23.20 -15.31
PA NAI C . -9.48 -6.14 11.32
O1A NAI C . -9.84 -7.07 10.23
O2A NAI C . -8.24 -5.36 11.11
O5B NAI C . -9.33 -7.03 12.63
C5B NAI C . -9.41 -8.43 12.48
C4B NAI C . -8.24 -9.02 13.22
O4B NAI C . -8.68 -10.11 14.00
C3B NAI C . -7.21 -9.56 12.23
O3B NAI C . -5.93 -9.07 12.59
C2B NAI C . -7.33 -11.06 12.47
O2B NAI C . -6.12 -11.70 12.19
C1B NAI C . -7.74 -11.20 13.92
N9A NAI C . -8.50 -12.46 14.15
C8A NAI C . -9.48 -12.91 13.31
N7A NAI C . -10.01 -14.04 13.81
C5A NAI C . -9.42 -14.33 14.98
C6A NAI C . -9.60 -15.41 15.89
N6A NAI C . -10.23 -16.53 15.48
N1A NAI C . -8.85 -15.46 17.03
C2A NAI C . -7.91 -14.45 17.26
N3A NAI C . -7.74 -13.42 16.35
C4A NAI C . -8.48 -13.34 15.21
O3 NAI C . -10.79 -5.23 11.50
PN NAI C . -10.84 -4.21 12.72
O1N NAI C . -11.07 -2.86 12.18
O2N NAI C . -9.61 -4.45 13.52
O5D NAI C . -12.12 -4.58 13.60
C5D NAI C . -12.17 -5.71 14.45
C4D NAI C . -13.61 -5.81 14.94
O4D NAI C . -14.05 -4.57 15.49
C3D NAI C . -14.54 -6.10 13.77
O3D NAI C . -15.44 -7.09 14.19
C2D NAI C . -15.19 -4.75 13.50
O2D NAI C . -16.46 -4.80 12.89
C1D NAI C . -15.29 -4.22 14.92
N1N NAI C . -15.76 -2.81 14.99
C2N NAI C . -16.74 -2.55 15.92
C3N NAI C . -17.28 -1.26 16.03
C7N NAI C . -18.00 -0.90 17.31
O7N NAI C . -18.90 0.17 17.18
N7N NAI C . -17.78 -1.52 18.48
C4N NAI C . -16.84 -0.22 15.19
C5N NAI C . -15.86 -0.50 14.23
C6N NAI C . -15.35 -1.82 14.13
N SER D . -17.34 -15.36 -19.48
CA SER D . -16.94 -14.03 -20.00
C SER D . -17.61 -12.97 -19.17
O SER D . -17.53 -11.74 -19.28
CB SER D . -17.19 -13.95 -21.50
OG SER D . -16.63 -15.13 -22.07
OXT SER D . -18.27 -13.35 -18.23
N SER E . -5.14 -2.69 -29.24
CA SER E . -5.44 -4.05 -28.69
C SER E . -4.26 -4.69 -27.98
O SER E . -4.43 -5.66 -27.27
CB SER E . -5.94 -5.01 -29.78
OG SER E . -7.28 -4.75 -30.12
OXT SER E . -3.10 -4.33 -28.09
PA NAI F . 13.78 11.08 -4.77
O1A NAI F . 13.26 10.67 -6.10
O2A NAI F . 13.00 10.50 -3.66
O5B NAI F . 13.82 12.68 -4.58
C5B NAI F . 14.65 13.58 -5.28
C4B NAI F . 14.07 14.94 -4.91
O4B NAI F . 14.83 16.01 -5.43
C3B NAI F . 12.66 15.11 -5.43
O3B NAI F . 11.83 15.39 -4.33
C2B NAI F . 12.73 16.32 -6.33
O2B NAI F . 11.73 17.25 -6.07
C1B NAI F . 13.95 17.02 -5.85
N9A NAI F . 14.59 17.62 -6.99
C8A NAI F . 14.65 17.18 -8.29
N7A NAI F . 15.41 18.06 -9.01
C5A NAI F . 15.81 19.03 -8.16
C6A NAI F . 16.58 20.14 -8.36
N6A NAI F . 17.22 20.28 -9.52
N1A NAI F . 16.83 20.96 -7.28
C2A NAI F . 16.31 20.67 -6.02
N3A NAI F . 15.51 19.54 -5.83
C4A NAI F . 15.29 18.76 -6.89
O3 NAI F . 15.32 10.73 -4.71
PN NAI F . 15.88 9.58 -3.74
O1N NAI F . 15.23 8.24 -3.98
O2N NAI F . 15.83 10.15 -2.37
O5D NAI F . 17.40 9.63 -4.28
C5D NAI F . 18.15 10.81 -4.15
C4D NAI F . 19.41 10.75 -5.03
O4D NAI F . 20.48 10.05 -4.39
C3D NAI F . 19.11 10.04 -6.35
O3D NAI F . 19.92 10.61 -7.34
C2D NAI F . 19.66 8.67 -6.11
O2D NAI F . 20.08 8.04 -7.30
C1D NAI F . 20.87 8.98 -5.22
N1N NAI F . 21.33 7.72 -4.60
C2N NAI F . 22.68 7.51 -4.46
C3N NAI F . 23.15 6.31 -3.90
C7N NAI F . 24.60 6.22 -3.52
O7N NAI F . 25.30 5.04 -3.78
N7N NAI F . 25.16 7.27 -2.94
C4N NAI F . 22.25 5.30 -3.49
C5N NAI F . 20.88 5.53 -3.64
C6N NAI F . 20.43 6.74 -4.21
#